data_1WPQ
#
_entry.id   1WPQ
#
_cell.length_a   115.995
_cell.length_b   115.995
_cell.length_c   153.720
_cell.angle_alpha   90.00
_cell.angle_beta   90.00
_cell.angle_gamma   90.00
#
_symmetry.space_group_name_H-M   'P 43 21 2'
#
loop_
_entity.id
_entity.type
_entity.pdbx_description
1 polymer 'Glycerol-3-phosphate dehydrogenase [NAD+], cytoplasmic'
2 non-polymer 'SULFATE ION'
3 non-polymer 1,3-DIHYDROXYACETONEPHOSPHATE
4 non-polymer NICOTINAMIDE-ADENINE-DINUCLEOTIDE
5 water water
#
_entity_poly.entity_id   1
_entity_poly.type   'polypeptide(L)'
_entity_poly.pdbx_seq_one_letter_code
;MASKKVCIVGSGNWGSAIAKIVGGNAAQLAQFDPRVTMWVFEEDIGGKKLTEIINTQHENVKYLPGHKLPPNVVAVPDVV
QAAEDADILIFVVPHQFIGKICDQLKGHLKANPTGISLIKGVDEGPNGLKLISEVIGERLGIPMSVLMGANIASEVADEK
FCETTIGCKDPAQGQLLKELMQTPNFRITVVQEVDTVEICGALKNVVAVGAGFCDGLGFGDNTKAAVIRLGLMEMIAFAK
LFCSGPVSSATFLESCGVADLITTCYGGRNRKVAEAFARTGKSIEQLEKELLNGQKLQGPETARELYSILQHKGLVDKFP
LFMAVYKVCYEGQPVGEFIHCLQNHPEHM
;
_entity_poly.pdbx_strand_id   A,B
#
loop_
_chem_comp.id
_chem_comp.type
_chem_comp.name
_chem_comp.formula
13P non-polymer 1,3-DIHYDROXYACETONEPHOSPHATE 'C3 H7 O6 P'
NAD non-polymer NICOTINAMIDE-ADENINE-DINUCLEOTIDE 'C21 H27 N7 O14 P2'
SO4 non-polymer 'SULFATE ION' 'O4 S -2'
#
# COMPACT_ATOMS: atom_id res chain seq x y z
N ALA A 2 10.51 39.24 -13.33
CA ALA A 2 9.13 39.67 -12.96
C ALA A 2 8.36 38.51 -12.33
N SER A 3 7.78 38.75 -11.17
CA SER A 3 7.04 37.72 -10.48
C SER A 3 5.91 37.19 -11.36
N LYS A 4 5.54 35.94 -11.11
CA LYS A 4 4.47 35.28 -11.84
C LYS A 4 3.23 35.31 -10.96
N LYS A 5 2.12 35.77 -11.50
CA LYS A 5 0.88 35.82 -10.75
C LYS A 5 0.25 34.44 -10.88
N VAL A 6 -0.30 33.95 -9.78
CA VAL A 6 -0.92 32.63 -9.78
C VAL A 6 -2.41 32.72 -9.55
N CYS A 7 -3.15 31.82 -10.20
CA CYS A 7 -4.59 31.75 -10.04
C CYS A 7 -4.94 30.32 -9.75
N ILE A 8 -5.69 30.12 -8.67
CA ILE A 8 -6.13 28.77 -8.32
C ILE A 8 -7.58 28.65 -8.77
N VAL A 9 -7.79 27.80 -9.78
CA VAL A 9 -9.14 27.59 -10.30
C VAL A 9 -9.76 26.44 -9.52
N GLY A 10 -10.49 26.80 -8.49
CA GLY A 10 -11.13 25.82 -7.62
C GLY A 10 -10.91 26.24 -6.18
N SER A 11 -11.81 25.81 -5.30
CA SER A 11 -11.72 26.18 -3.90
C SER A 11 -12.36 25.14 -2.98
N GLY A 12 -12.29 23.88 -3.38
CA GLY A 12 -12.88 22.82 -2.59
C GLY A 12 -12.02 22.34 -1.45
N ASN A 13 -12.20 21.07 -1.08
CA ASN A 13 -11.45 20.45 0.01
C ASN A 13 -9.96 20.60 -0.32
N TRP A 14 -9.56 20.08 -1.47
CA TRP A 14 -8.19 20.12 -1.95
C TRP A 14 -7.82 21.53 -2.40
N GLY A 15 -8.74 22.18 -3.10
CA GLY A 15 -8.50 23.52 -3.60
C GLY A 15 -8.13 24.48 -2.47
N SER A 16 -8.80 24.33 -1.33
CA SER A 16 -8.53 25.19 -0.19
C SER A 16 -7.19 24.88 0.46
N ALA A 17 -6.84 23.60 0.56
CA ALA A 17 -5.56 23.21 1.15
C ALA A 17 -4.45 23.75 0.26
N ILE A 18 -4.56 23.51 -1.04
CA ILE A 18 -3.58 23.99 -2.02
C ILE A 18 -3.40 25.50 -1.88
N ALA A 19 -4.49 26.18 -1.55
CA ALA A 19 -4.47 27.63 -1.37
C ALA A 19 -3.56 28.00 -0.22
N LYS A 20 -3.59 27.21 0.85
CA LYS A 20 -2.74 27.47 2.00
C LYS A 20 -1.29 27.36 1.58
N ILE A 21 -0.95 26.24 0.94
CA ILE A 21 0.40 26.00 0.46
C ILE A 21 0.86 27.03 -0.57
N VAL A 22 0.04 27.26 -1.59
CA VAL A 22 0.35 28.22 -2.64
C VAL A 22 0.33 29.64 -2.08
N GLY A 23 -0.61 29.91 -1.19
CA GLY A 23 -0.69 31.23 -0.59
C GLY A 23 0.56 31.54 0.21
N GLY A 24 1.04 30.56 0.97
CA GLY A 24 2.23 30.74 1.77
C GLY A 24 3.52 30.97 0.99
N ASN A 25 3.79 30.11 0.03
CA ASN A 25 5.02 30.25 -0.75
C ASN A 25 5.02 31.51 -1.61
N ALA A 26 3.84 31.92 -2.06
CA ALA A 26 3.75 33.11 -2.90
C ALA A 26 4.12 34.33 -2.09
N ALA A 27 3.72 34.35 -0.83
CA ALA A 27 4.01 35.47 0.05
C ALA A 27 5.47 35.48 0.45
N GLN A 28 6.04 34.28 0.58
CA GLN A 28 7.43 34.10 1.00
C GLN A 28 8.49 34.12 -0.11
N LEU A 29 8.10 33.79 -1.34
CA LEU A 29 9.06 33.75 -2.45
C LEU A 29 8.93 34.89 -3.45
N ALA A 30 10.05 35.48 -3.80
CA ALA A 30 10.09 36.60 -4.73
C ALA A 30 9.55 36.31 -6.13
N GLN A 31 9.89 35.16 -6.71
CA GLN A 31 9.44 34.84 -8.06
C GLN A 31 7.93 34.70 -8.22
N PHE A 32 7.18 34.75 -7.13
CA PHE A 32 5.74 34.63 -7.22
C PHE A 32 5.06 35.86 -6.61
N ASP A 33 4.12 36.44 -7.35
CA ASP A 33 3.39 37.62 -6.89
C ASP A 33 2.55 37.24 -5.68
N PRO A 34 2.65 38.02 -4.59
CA PRO A 34 1.90 37.75 -3.37
C PRO A 34 0.38 37.63 -3.53
N ARG A 35 -0.19 38.38 -4.46
CA ARG A 35 -1.63 38.31 -4.69
C ARG A 35 -2.00 37.01 -5.41
N VAL A 36 -2.65 36.10 -4.68
CA VAL A 36 -3.06 34.81 -5.24
C VAL A 36 -4.57 34.76 -5.42
N THR A 37 -5.03 34.76 -6.67
CA THR A 37 -6.47 34.70 -6.90
C THR A 37 -6.95 33.26 -6.88
N MET A 38 -8.17 33.07 -6.40
CA MET A 38 -8.78 31.76 -6.35
C MET A 38 -10.22 31.87 -6.83
N TRP A 39 -10.52 31.24 -7.96
CA TRP A 39 -11.87 31.28 -8.48
C TRP A 39 -12.75 30.45 -7.55
N VAL A 40 -13.82 31.08 -7.07
CA VAL A 40 -14.74 30.41 -6.18
C VAL A 40 -16.15 30.40 -6.74
N PHE A 41 -16.66 29.21 -7.04
CA PHE A 41 -18.01 29.09 -7.53
C PHE A 41 -18.89 29.67 -6.41
N GLU A 42 -19.48 30.83 -6.66
CA GLU A 42 -20.28 31.48 -5.63
C GLU A 42 -21.39 30.63 -5.03
N GLU A 43 -21.54 30.75 -3.71
CA GLU A 43 -22.57 30.00 -3.00
C GLU A 43 -23.20 30.90 -1.97
N ASP A 44 -24.47 30.64 -1.70
CA ASP A 44 -25.19 31.42 -0.71
C ASP A 44 -25.16 30.65 0.59
N ILE A 45 -24.30 31.08 1.50
CA ILE A 45 -24.20 30.43 2.79
C ILE A 45 -25.02 31.24 3.78
N GLY A 46 -26.32 30.94 3.86
CA GLY A 46 -27.21 31.65 4.77
C GLY A 46 -27.24 33.16 4.58
N GLY A 47 -27.57 33.62 3.37
CA GLY A 47 -27.63 35.05 3.12
C GLY A 47 -26.29 35.71 2.80
N LYS A 48 -25.19 35.04 3.15
CA LYS A 48 -23.88 35.60 2.86
C LYS A 48 -23.24 34.92 1.66
N LYS A 49 -22.56 35.70 0.81
CA LYS A 49 -21.86 35.13 -0.34
C LYS A 49 -20.64 34.43 0.24
N LEU A 50 -20.30 33.28 -0.31
CA LEU A 50 -19.14 32.54 0.16
C LEU A 50 -17.88 33.35 -0.07
N THR A 51 -17.75 33.91 -1.28
CA THR A 51 -16.58 34.71 -1.61
C THR A 51 -16.37 35.80 -0.59
N GLU A 52 -17.47 36.38 -0.12
CA GLU A 52 -17.40 37.44 0.88
C GLU A 52 -16.93 36.88 2.21
N ILE A 53 -17.41 35.69 2.56
CA ILE A 53 -17.02 35.05 3.82
C ILE A 53 -15.51 34.77 3.77
N ILE A 54 -15.05 34.20 2.65
CA ILE A 54 -13.64 33.87 2.48
C ILE A 54 -12.73 35.08 2.59
N ASN A 55 -13.07 36.15 1.87
CA ASN A 55 -12.25 37.36 1.89
C ASN A 55 -12.33 38.11 3.23
N THR A 56 -13.35 37.81 4.02
CA THR A 56 -13.50 38.49 5.31
C THR A 56 -12.95 37.65 6.47
N GLN A 57 -13.41 36.41 6.56
CA GLN A 57 -12.99 35.50 7.62
C GLN A 57 -11.72 34.74 7.28
N HIS A 58 -11.32 34.79 6.02
CA HIS A 58 -10.12 34.08 5.58
C HIS A 58 -10.15 32.60 5.98
N GLU A 59 -11.23 31.92 5.58
CA GLU A 59 -11.43 30.50 5.86
C GLU A 59 -12.57 29.99 4.98
N ASN A 60 -12.48 28.74 4.54
CA ASN A 60 -13.53 28.15 3.73
C ASN A 60 -13.95 26.89 4.49
N VAL A 61 -14.36 27.10 5.73
CA VAL A 61 -14.76 26.02 6.63
C VAL A 61 -15.67 24.97 6.01
N LYS A 62 -16.62 25.38 5.18
CA LYS A 62 -17.52 24.41 4.55
C LYS A 62 -16.79 23.27 3.86
N TYR A 63 -15.66 23.57 3.23
CA TYR A 63 -14.89 22.56 2.50
C TYR A 63 -13.55 22.17 3.14
N LEU A 64 -13.00 23.04 3.97
CA LEU A 64 -11.74 22.74 4.66
C LEU A 64 -11.87 23.25 6.09
N PRO A 65 -12.61 22.51 6.92
CA PRO A 65 -12.89 22.79 8.34
C PRO A 65 -11.66 22.92 9.24
N GLY A 66 -11.75 23.85 10.19
CA GLY A 66 -10.68 24.07 11.15
C GLY A 66 -9.37 24.62 10.62
N HIS A 67 -9.44 25.38 9.53
CA HIS A 67 -8.22 25.95 8.97
C HIS A 67 -8.47 27.33 8.41
N LYS A 68 -7.42 28.14 8.41
CA LYS A 68 -7.52 29.48 7.87
C LYS A 68 -6.81 29.47 6.55
N LEU A 69 -7.10 30.44 5.71
CA LEU A 69 -6.42 30.55 4.42
C LEU A 69 -5.55 31.80 4.50
N PRO A 70 -4.39 31.80 3.83
CA PRO A 70 -3.52 32.99 3.88
C PRO A 70 -4.31 34.21 3.40
N PRO A 71 -4.21 35.35 4.12
CA PRO A 71 -4.91 36.58 3.76
C PRO A 71 -4.71 37.01 2.30
N ASN A 72 -3.56 36.70 1.74
CA ASN A 72 -3.26 37.08 0.37
C ASN A 72 -3.97 36.25 -0.70
N VAL A 73 -4.68 35.21 -0.28
CA VAL A 73 -5.43 34.41 -1.25
C VAL A 73 -6.78 35.10 -1.33
N VAL A 74 -7.09 35.68 -2.49
CA VAL A 74 -8.35 36.39 -2.66
C VAL A 74 -9.37 35.60 -3.46
N ALA A 75 -10.57 35.46 -2.88
CA ALA A 75 -11.66 34.73 -3.52
C ALA A 75 -12.32 35.61 -4.58
N VAL A 76 -12.32 35.14 -5.82
CA VAL A 76 -12.90 35.85 -6.96
C VAL A 76 -14.01 35.02 -7.62
N PRO A 77 -15.27 35.49 -7.53
CA PRO A 77 -16.42 34.78 -8.12
C PRO A 77 -16.46 34.58 -9.64
N ASP A 78 -15.83 35.46 -10.41
CA ASP A 78 -15.83 35.32 -11.88
C ASP A 78 -14.51 34.69 -12.35
N VAL A 79 -14.59 33.49 -12.90
CA VAL A 79 -13.38 32.80 -13.32
C VAL A 79 -12.50 33.54 -14.31
N VAL A 80 -13.12 34.29 -15.21
CA VAL A 80 -12.34 35.04 -16.19
C VAL A 80 -11.53 36.10 -15.45
N GLN A 81 -12.15 36.81 -14.52
CA GLN A 81 -11.46 37.85 -13.75
C GLN A 81 -10.32 37.30 -12.89
N ALA A 82 -10.52 36.12 -12.32
CA ALA A 82 -9.52 35.49 -11.47
C ALA A 82 -8.33 34.98 -12.25
N ALA A 83 -8.57 34.45 -13.44
CA ALA A 83 -7.49 33.90 -14.27
C ALA A 83 -6.83 34.90 -15.21
N GLU A 84 -7.57 35.94 -15.58
CA GLU A 84 -7.12 36.99 -16.50
C GLU A 84 -5.63 37.34 -16.55
N ASP A 85 -5.07 37.74 -15.42
CA ASP A 85 -3.67 38.13 -15.36
C ASP A 85 -2.73 37.04 -14.88
N ALA A 86 -3.25 35.82 -14.70
CA ALA A 86 -2.43 34.72 -14.21
C ALA A 86 -1.39 34.23 -15.22
N ASP A 87 -0.21 33.91 -14.71
CA ASP A 87 0.86 33.35 -15.54
C ASP A 87 0.84 31.85 -15.34
N ILE A 88 0.38 31.45 -14.17
CA ILE A 88 0.28 30.05 -13.80
C ILE A 88 -1.14 29.79 -13.33
N LEU A 89 -1.74 28.73 -13.85
CA LEU A 89 -3.08 28.39 -13.45
C LEU A 89 -3.12 26.97 -12.90
N ILE A 90 -3.58 26.85 -11.66
CA ILE A 90 -3.69 25.57 -10.99
C ILE A 90 -5.13 25.10 -11.16
N PHE A 91 -5.34 24.09 -11.98
CA PHE A 91 -6.68 23.59 -12.19
C PHE A 91 -7.04 22.54 -11.16
N VAL A 92 -7.94 22.92 -10.26
CA VAL A 92 -8.37 22.03 -9.21
C VAL A 92 -9.85 22.19 -8.88
N VAL A 93 -10.68 21.56 -9.71
CA VAL A 93 -12.13 21.59 -9.54
C VAL A 93 -12.67 20.21 -9.82
N PRO A 94 -13.79 19.85 -9.20
CA PRO A 94 -14.33 18.52 -9.47
C PRO A 94 -14.41 18.30 -10.98
N HIS A 95 -13.97 17.12 -11.43
CA HIS A 95 -13.96 16.75 -12.85
C HIS A 95 -15.19 17.25 -13.63
N GLN A 96 -16.37 17.04 -13.07
CA GLN A 96 -17.61 17.44 -13.75
C GLN A 96 -17.74 18.91 -14.15
N PHE A 97 -16.98 19.80 -13.52
CA PHE A 97 -17.11 21.23 -13.83
C PHE A 97 -15.98 21.84 -14.65
N ILE A 98 -14.98 21.06 -15.01
CA ILE A 98 -13.86 21.61 -15.77
C ILE A 98 -14.20 22.05 -17.19
N GLY A 99 -14.94 21.24 -17.93
CA GLY A 99 -15.30 21.57 -19.30
C GLY A 99 -15.95 22.93 -19.49
N LYS A 100 -16.97 23.21 -18.67
CA LYS A 100 -17.66 24.49 -18.78
C LYS A 100 -16.75 25.66 -18.43
N ILE A 101 -15.93 25.48 -17.41
CA ILE A 101 -15.02 26.52 -16.97
C ILE A 101 -14.09 26.88 -18.12
N CYS A 102 -13.57 25.84 -18.78
CA CYS A 102 -12.66 26.03 -19.88
C CYS A 102 -13.19 26.91 -21.02
N ASP A 103 -14.35 26.61 -21.59
CA ASP A 103 -14.78 27.48 -22.69
C ASP A 103 -15.08 28.90 -22.22
N GLN A 104 -15.08 29.09 -20.91
CA GLN A 104 -15.32 30.43 -20.38
C GLN A 104 -13.98 31.14 -20.40
N LEU A 105 -12.93 30.38 -20.14
CA LEU A 105 -11.58 30.91 -20.12
C LEU A 105 -10.96 31.03 -21.50
N LYS A 106 -11.47 30.26 -22.45
CA LYS A 106 -10.93 30.25 -23.81
C LYS A 106 -10.77 31.63 -24.40
N GLY A 107 -9.53 32.01 -24.69
CA GLY A 107 -9.26 33.30 -25.27
C GLY A 107 -9.17 34.43 -24.26
N HIS A 108 -8.99 34.10 -22.99
CA HIS A 108 -8.90 35.14 -21.97
C HIS A 108 -7.70 35.00 -21.06
N LEU A 109 -6.75 34.17 -21.45
CA LEU A 109 -5.55 33.96 -20.64
C LEU A 109 -4.41 34.76 -21.23
N LYS A 110 -3.36 34.98 -20.43
CA LYS A 110 -2.20 35.72 -20.92
C LYS A 110 -1.48 34.88 -21.95
N ALA A 111 -0.80 35.56 -22.86
CA ALA A 111 -0.09 34.90 -23.94
C ALA A 111 0.72 33.67 -23.53
N ASN A 112 1.64 33.81 -22.57
CA ASN A 112 2.48 32.68 -22.17
C ASN A 112 2.07 31.98 -20.87
N PRO A 113 0.77 31.98 -20.59
CA PRO A 113 0.27 31.36 -19.37
C PRO A 113 0.46 29.84 -19.39
N THR A 114 0.81 29.28 -18.23
CA THR A 114 0.97 27.83 -18.11
C THR A 114 0.00 27.32 -17.04
N GLY A 115 -0.23 26.01 -17.05
CA GLY A 115 -1.14 25.43 -16.09
C GLY A 115 -0.80 24.04 -15.62
N ILE A 116 -1.22 23.73 -14.40
CA ILE A 116 -0.98 22.43 -13.81
C ILE A 116 -2.33 21.91 -13.35
N SER A 117 -2.64 20.66 -13.67
CA SER A 117 -3.93 20.08 -13.29
C SER A 117 -3.80 19.09 -12.13
N LEU A 118 -4.72 19.22 -11.16
CA LEU A 118 -4.74 18.35 -9.99
C LEU A 118 -6.00 17.47 -10.06
N ILE A 119 -6.74 17.62 -11.14
CA ILE A 119 -7.98 16.88 -11.34
C ILE A 119 -7.77 15.39 -11.63
N LYS A 120 -8.50 14.53 -10.92
CA LYS A 120 -8.37 13.10 -11.11
C LYS A 120 -9.56 12.46 -11.79
N GLY A 121 -9.33 11.99 -13.00
CA GLY A 121 -10.34 11.35 -13.81
C GLY A 121 -9.80 11.22 -15.21
N VAL A 122 -10.63 10.77 -16.14
CA VAL A 122 -10.23 10.60 -17.53
C VAL A 122 -11.41 10.93 -18.41
N ASP A 123 -11.13 11.26 -19.66
CA ASP A 123 -12.18 11.55 -20.63
C ASP A 123 -12.01 10.60 -21.80
N GLU A 124 -12.85 10.78 -22.81
CA GLU A 124 -12.77 9.93 -23.99
C GLU A 124 -12.78 10.76 -25.26
N GLY A 125 -11.88 10.43 -26.18
CA GLY A 125 -11.80 11.13 -27.46
C GLY A 125 -12.23 10.13 -28.52
N PRO A 126 -12.34 10.54 -29.81
CA PRO A 126 -12.75 9.60 -30.85
C PRO A 126 -12.20 8.21 -30.62
N ASN A 127 -10.92 8.03 -30.91
CA ASN A 127 -10.35 6.71 -30.73
C ASN A 127 -9.65 6.53 -29.38
N GLY A 128 -10.43 6.15 -28.37
CA GLY A 128 -9.86 5.89 -27.05
C GLY A 128 -9.74 6.97 -25.98
N LEU A 129 -8.79 6.72 -25.08
CA LEU A 129 -8.50 7.59 -23.94
C LEU A 129 -8.08 9.02 -24.29
N LYS A 130 -8.43 9.93 -23.38
CA LYS A 130 -8.09 11.34 -23.52
C LYS A 130 -7.99 11.90 -22.12
N LEU A 131 -6.78 12.34 -21.76
CA LEU A 131 -6.50 12.88 -20.43
C LEU A 131 -7.09 14.27 -20.21
N ILE A 132 -7.58 14.51 -18.99
CA ILE A 132 -8.16 15.81 -18.62
C ILE A 132 -7.17 16.94 -18.90
N SER A 133 -5.93 16.80 -18.45
CA SER A 133 -4.93 17.83 -18.68
C SER A 133 -4.83 18.11 -20.19
N GLU A 134 -4.91 17.06 -21.00
CA GLU A 134 -4.84 17.25 -22.45
C GLU A 134 -6.05 18.05 -22.94
N VAL A 135 -7.22 17.72 -22.42
CA VAL A 135 -8.43 18.43 -22.81
C VAL A 135 -8.31 19.92 -22.45
N ILE A 136 -7.73 20.21 -21.29
CA ILE A 136 -7.55 21.60 -20.83
C ILE A 136 -6.53 22.31 -21.72
N GLY A 137 -5.39 21.66 -21.95
CA GLY A 137 -4.35 22.24 -22.77
C GLY A 137 -4.78 22.58 -24.18
N GLU A 138 -5.51 21.67 -24.82
CA GLU A 138 -5.98 21.86 -26.18
C GLU A 138 -7.06 22.93 -26.31
N ARG A 139 -7.98 22.95 -25.35
CA ARG A 139 -9.07 23.91 -25.34
C ARG A 139 -8.59 25.33 -25.02
N LEU A 140 -7.66 25.45 -24.06
CA LEU A 140 -7.14 26.74 -23.66
C LEU A 140 -5.85 27.09 -24.38
N GLY A 141 -5.34 26.15 -25.16
CA GLY A 141 -4.10 26.37 -25.88
C GLY A 141 -2.93 26.76 -24.99
N ILE A 142 -2.71 26.00 -23.91
CA ILE A 142 -1.58 26.29 -23.02
C ILE A 142 -0.89 25.00 -22.57
N PRO A 143 0.43 25.07 -22.29
CA PRO A 143 1.22 23.92 -21.84
C PRO A 143 0.70 23.43 -20.50
N MET A 144 0.67 22.12 -20.31
CA MET A 144 0.14 21.55 -19.07
C MET A 144 1.06 20.59 -18.31
N SER A 145 0.86 20.56 -17.00
CA SER A 145 1.60 19.68 -16.09
C SER A 145 0.58 19.08 -15.17
N VAL A 146 1.02 18.18 -14.31
CA VAL A 146 0.13 17.54 -13.34
C VAL A 146 0.82 17.38 -11.99
N LEU A 147 0.01 17.30 -10.95
CA LEU A 147 0.47 17.10 -9.59
C LEU A 147 -0.42 15.97 -9.07
N MET A 148 0.19 14.83 -8.76
CA MET A 148 -0.55 13.66 -8.30
C MET A 148 0.22 12.91 -7.22
N GLY A 149 -0.44 12.65 -6.09
CA GLY A 149 0.21 11.94 -5.01
C GLY A 149 -0.72 11.59 -3.86
N ALA A 150 -0.21 10.86 -2.86
CA ALA A 150 -1.01 10.48 -1.70
C ALA A 150 -1.24 11.75 -0.89
N ASN A 151 -2.32 12.47 -1.18
CA ASN A 151 -2.57 13.74 -0.52
C ASN A 151 -3.95 14.02 0.08
N ILE A 152 -4.40 13.23 1.04
CA ILE A 152 -5.69 13.48 1.69
C ILE A 152 -5.59 14.93 2.16
N ALA A 153 -6.49 15.77 1.67
CA ALA A 153 -6.49 17.19 1.99
C ALA A 153 -6.42 17.54 3.47
N SER A 154 -7.30 16.95 4.28
CA SER A 154 -7.34 17.24 5.71
C SER A 154 -5.97 17.11 6.37
N GLU A 155 -5.21 16.10 5.95
CA GLU A 155 -3.88 15.88 6.50
C GLU A 155 -2.86 16.89 5.96
N VAL A 156 -2.96 17.21 4.68
CA VAL A 156 -2.05 18.18 4.06
C VAL A 156 -2.26 19.53 4.74
N ALA A 157 -3.50 19.81 5.10
CA ALA A 157 -3.84 21.07 5.75
C ALA A 157 -3.37 21.07 7.20
N ASP A 158 -3.20 19.89 7.79
CA ASP A 158 -2.73 19.79 9.16
C ASP A 158 -1.21 19.75 9.19
N GLU A 159 -0.59 19.99 8.03
CA GLU A 159 0.86 19.99 7.88
C GLU A 159 1.59 18.68 8.22
N LYS A 160 0.88 17.56 8.06
CA LYS A 160 1.47 16.24 8.32
C LYS A 160 2.30 15.79 7.11
N PHE A 161 3.50 15.28 7.37
CA PHE A 161 4.39 14.86 6.30
C PHE A 161 3.81 13.96 5.20
N CYS A 162 4.04 14.34 3.95
CA CYS A 162 3.58 13.58 2.81
C CYS A 162 4.34 14.01 1.56
N GLU A 163 4.14 13.30 0.46
CA GLU A 163 4.82 13.62 -0.78
C GLU A 163 3.80 13.75 -1.90
N THR A 164 4.26 14.18 -3.07
CA THR A 164 3.41 14.30 -4.24
C THR A 164 4.30 14.24 -5.47
N THR A 165 3.71 13.93 -6.60
CA THR A 165 4.46 13.81 -7.83
C THR A 165 4.04 14.86 -8.83
N ILE A 166 5.00 15.54 -9.44
CA ILE A 166 4.69 16.52 -10.45
C ILE A 166 5.13 15.97 -11.78
N GLY A 167 4.19 15.87 -12.71
CA GLY A 167 4.50 15.40 -14.04
C GLY A 167 4.64 16.60 -14.94
N CYS A 168 5.85 16.86 -15.39
CA CYS A 168 6.10 18.00 -16.26
C CYS A 168 7.15 17.66 -17.31
N LYS A 169 6.85 17.93 -18.58
CA LYS A 169 7.79 17.64 -19.65
C LYS A 169 8.93 18.66 -19.65
N ASP A 170 8.62 19.91 -19.37
CA ASP A 170 9.63 20.98 -19.36
C ASP A 170 10.36 21.04 -18.01
N PRO A 171 11.68 20.83 -18.01
CA PRO A 171 12.45 20.88 -16.77
C PRO A 171 12.34 22.22 -16.04
N ALA A 172 12.59 23.30 -16.78
CA ALA A 172 12.51 24.63 -16.18
C ALA A 172 11.14 24.82 -15.52
N GLN A 173 10.07 24.55 -16.26
CA GLN A 173 8.72 24.69 -15.72
C GLN A 173 8.50 23.73 -14.55
N GLY A 174 9.18 22.59 -14.58
CA GLY A 174 9.03 21.62 -13.51
C GLY A 174 9.61 22.13 -12.20
N GLN A 175 10.78 22.74 -12.29
CA GLN A 175 11.44 23.28 -11.12
C GLN A 175 10.66 24.45 -10.53
N LEU A 176 10.11 25.28 -11.41
CA LEU A 176 9.32 26.43 -11.02
C LEU A 176 8.06 25.99 -10.27
N LEU A 177 7.37 24.99 -10.81
CA LEU A 177 6.17 24.47 -10.18
C LEU A 177 6.49 23.85 -8.83
N LYS A 178 7.68 23.26 -8.70
CA LYS A 178 8.11 22.65 -7.45
C LYS A 178 8.36 23.72 -6.39
N GLU A 179 8.90 24.86 -6.82
CA GLU A 179 9.16 25.95 -5.90
C GLU A 179 7.84 26.56 -5.41
N LEU A 180 6.83 26.59 -6.27
CA LEU A 180 5.54 27.15 -5.89
C LEU A 180 4.71 26.20 -5.01
N MET A 181 4.90 24.89 -5.20
CA MET A 181 4.13 23.89 -4.48
C MET A 181 4.78 23.23 -3.26
N GLN A 182 6.11 23.10 -3.28
CA GLN A 182 6.83 22.45 -2.18
C GLN A 182 6.77 23.12 -0.81
N THR A 183 6.79 22.28 0.22
CA THR A 183 6.71 22.69 1.61
C THR A 183 7.59 21.77 2.45
N PRO A 184 8.01 22.22 3.64
CA PRO A 184 8.85 21.33 4.44
C PRO A 184 8.14 20.01 4.74
N ASN A 185 6.83 19.99 4.56
CA ASN A 185 6.08 18.77 4.83
C ASN A 185 5.32 18.27 3.61
N PHE A 186 5.50 18.96 2.50
CA PHE A 186 4.85 18.61 1.24
C PHE A 186 6.00 18.47 0.25
N ARG A 187 6.62 17.29 0.25
CA ARG A 187 7.78 16.99 -0.61
C ARG A 187 7.42 16.55 -2.02
N ILE A 188 8.03 17.23 -2.99
CA ILE A 188 7.77 16.99 -4.39
C ILE A 188 8.89 16.36 -5.21
N THR A 189 8.49 15.50 -6.14
CA THR A 189 9.41 14.84 -7.04
C THR A 189 8.85 15.11 -8.42
N VAL A 190 9.68 15.68 -9.27
CA VAL A 190 9.27 16.00 -10.62
C VAL A 190 9.74 14.87 -11.54
N VAL A 191 8.85 14.43 -12.40
CA VAL A 191 9.17 13.39 -13.37
C VAL A 191 8.58 13.90 -14.68
N GLN A 192 9.08 13.39 -15.81
CA GLN A 192 8.58 13.84 -17.08
C GLN A 192 7.49 12.97 -17.69
N GLU A 193 7.17 11.85 -17.04
CA GLU A 193 6.15 10.96 -17.57
C GLU A 193 4.73 11.41 -17.21
N VAL A 194 4.41 12.65 -17.58
CA VAL A 194 3.12 13.25 -17.31
C VAL A 194 1.95 12.28 -17.43
N ASP A 195 1.71 11.81 -18.64
CA ASP A 195 0.62 10.88 -18.93
C ASP A 195 0.41 9.79 -17.88
N THR A 196 1.48 9.06 -17.55
CA THR A 196 1.37 7.98 -16.59
C THR A 196 1.00 8.49 -15.20
N VAL A 197 1.56 9.63 -14.82
CA VAL A 197 1.30 10.22 -13.53
C VAL A 197 -0.18 10.60 -13.39
N GLU A 198 -0.74 11.16 -14.46
CA GLU A 198 -2.13 11.57 -14.48
C GLU A 198 -3.07 10.36 -14.48
N ILE A 199 -2.69 9.29 -15.18
CA ILE A 199 -3.54 8.11 -15.24
C ILE A 199 -3.59 7.40 -13.87
N CYS A 200 -2.52 7.53 -13.09
CA CYS A 200 -2.48 6.90 -11.77
C CYS A 200 -3.48 7.53 -10.83
N GLY A 201 -3.54 8.86 -10.84
CA GLY A 201 -4.47 9.56 -9.98
C GLY A 201 -5.90 9.20 -10.34
N ALA A 202 -6.17 9.15 -11.64
CA ALA A 202 -7.49 8.80 -12.12
C ALA A 202 -7.92 7.40 -11.70
N LEU A 203 -7.13 6.41 -12.08
CA LEU A 203 -7.46 5.00 -11.81
C LEU A 203 -7.51 4.54 -10.36
N LYS A 204 -6.64 5.05 -9.51
CA LYS A 204 -6.63 4.60 -8.12
C LYS A 204 -7.94 4.81 -7.36
N ASN A 205 -8.74 5.79 -7.77
CA ASN A 205 -10.00 6.03 -7.10
C ASN A 205 -10.99 4.90 -7.38
N VAL A 206 -10.84 4.28 -8.54
CA VAL A 206 -11.71 3.17 -8.92
C VAL A 206 -11.39 2.00 -7.99
N VAL A 207 -10.12 1.86 -7.64
CA VAL A 207 -9.67 0.79 -6.76
C VAL A 207 -10.16 1.07 -5.34
N ALA A 208 -10.11 2.34 -4.95
CA ALA A 208 -10.53 2.76 -3.62
C ALA A 208 -12.03 2.48 -3.43
N VAL A 209 -12.83 2.65 -4.47
CA VAL A 209 -14.25 2.36 -4.34
C VAL A 209 -14.38 0.87 -4.03
N GLY A 210 -13.52 0.07 -4.65
CA GLY A 210 -13.53 -1.36 -4.42
C GLY A 210 -13.07 -1.71 -3.02
N ALA A 211 -12.12 -0.94 -2.48
CA ALA A 211 -11.61 -1.19 -1.14
C ALA A 211 -12.71 -0.88 -0.13
N GLY A 212 -13.45 0.20 -0.38
CA GLY A 212 -14.53 0.57 0.49
C GLY A 212 -15.58 -0.53 0.53
N PHE A 213 -15.82 -1.15 -0.61
CA PHE A 213 -16.79 -2.24 -0.72
C PHE A 213 -16.39 -3.36 0.23
N CYS A 214 -15.12 -3.75 0.17
CA CYS A 214 -14.63 -4.83 1.01
C CYS A 214 -14.72 -4.50 2.49
N ASP A 215 -14.52 -3.23 2.84
CA ASP A 215 -14.65 -2.83 4.23
C ASP A 215 -16.12 -3.00 4.63
N GLY A 216 -16.99 -2.67 3.68
CA GLY A 216 -18.42 -2.77 3.91
C GLY A 216 -18.91 -4.18 3.95
N LEU A 217 -18.05 -5.11 3.57
CA LEU A 217 -18.41 -6.52 3.60
C LEU A 217 -17.86 -7.16 4.86
N GLY A 218 -17.17 -6.36 5.67
CA GLY A 218 -16.60 -6.85 6.92
C GLY A 218 -15.16 -7.35 6.86
N PHE A 219 -14.42 -7.00 5.82
CA PHE A 219 -13.05 -7.48 5.69
C PHE A 219 -11.98 -6.57 6.29
N GLY A 220 -10.80 -7.15 6.52
CA GLY A 220 -9.70 -6.40 7.11
C GLY A 220 -8.58 -5.98 6.18
N ASP A 221 -7.37 -5.90 6.73
CA ASP A 221 -6.20 -5.46 5.98
C ASP A 221 -5.67 -6.39 4.86
N ASN A 222 -5.61 -7.69 5.11
CA ASN A 222 -5.12 -8.62 4.08
C ASN A 222 -5.96 -8.52 2.82
N THR A 223 -7.26 -8.29 2.99
CA THR A 223 -8.15 -8.17 1.85
C THR A 223 -7.94 -6.82 1.16
N LYS A 224 -7.76 -5.76 1.94
CA LYS A 224 -7.54 -4.44 1.36
C LYS A 224 -6.23 -4.43 0.60
N ALA A 225 -5.22 -5.08 1.17
CA ALA A 225 -3.91 -5.16 0.54
C ALA A 225 -4.02 -5.81 -0.84
N ALA A 226 -4.73 -6.94 -0.91
CA ALA A 226 -4.91 -7.66 -2.17
C ALA A 226 -5.73 -6.83 -3.14
N VAL A 227 -6.67 -6.05 -2.62
CA VAL A 227 -7.50 -5.21 -3.47
C VAL A 227 -6.63 -4.17 -4.15
N ILE A 228 -5.72 -3.59 -3.37
CA ILE A 228 -4.80 -2.58 -3.84
C ILE A 228 -3.84 -3.19 -4.84
N ARG A 229 -3.38 -4.39 -4.53
CA ARG A 229 -2.43 -5.09 -5.37
C ARG A 229 -3.00 -5.49 -6.73
N LEU A 230 -4.20 -6.05 -6.73
CA LEU A 230 -4.84 -6.47 -7.96
C LEU A 230 -5.27 -5.25 -8.74
N GLY A 231 -5.55 -4.18 -8.00
CA GLY A 231 -5.95 -2.93 -8.61
C GLY A 231 -4.77 -2.35 -9.38
N LEU A 232 -3.60 -2.38 -8.76
CA LEU A 232 -2.39 -1.87 -9.39
C LEU A 232 -2.11 -2.64 -10.67
N MET A 233 -2.28 -3.96 -10.62
CA MET A 233 -2.06 -4.79 -11.78
C MET A 233 -2.91 -4.32 -12.95
N GLU A 234 -4.19 -4.05 -12.68
CA GLU A 234 -5.08 -3.58 -13.72
C GLU A 234 -4.75 -2.14 -14.15
N MET A 235 -4.21 -1.35 -13.25
CA MET A 235 -3.85 0.04 -13.57
C MET A 235 -2.72 0.07 -14.59
N ILE A 236 -1.63 -0.63 -14.28
CA ILE A 236 -0.50 -0.69 -15.18
C ILE A 236 -0.93 -1.24 -16.53
N ALA A 237 -1.57 -2.40 -16.52
CA ALA A 237 -2.04 -3.02 -17.75
C ALA A 237 -2.91 -2.05 -18.53
N PHE A 238 -3.75 -1.30 -17.82
CA PHE A 238 -4.62 -0.34 -18.47
C PHE A 238 -3.83 0.83 -19.06
N ALA A 239 -2.87 1.36 -18.30
CA ALA A 239 -2.06 2.48 -18.77
C ALA A 239 -1.22 2.10 -19.99
N LYS A 240 -0.53 0.96 -19.91
CA LYS A 240 0.28 0.50 -21.01
C LYS A 240 -0.53 0.27 -22.28
N LEU A 241 -1.78 -0.13 -22.12
CA LEU A 241 -2.65 -0.38 -23.25
C LEU A 241 -3.32 0.85 -23.86
N PHE A 242 -3.74 1.79 -23.01
CA PHE A 242 -4.44 2.97 -23.52
C PHE A 242 -3.71 4.31 -23.58
N CYS A 243 -2.55 4.41 -22.92
CA CYS A 243 -1.79 5.66 -22.92
C CYS A 243 -0.94 5.83 -24.16
N SER A 244 -0.81 7.07 -24.61
CA SER A 244 0.01 7.38 -25.78
C SER A 244 1.45 7.45 -25.30
N GLY A 245 2.36 6.90 -26.09
CA GLY A 245 3.77 6.95 -25.70
C GLY A 245 4.15 5.99 -24.60
N PRO A 246 5.44 5.99 -24.23
CA PRO A 246 6.04 5.14 -23.19
C PRO A 246 5.36 5.17 -21.83
N VAL A 247 5.15 3.98 -21.27
CA VAL A 247 4.54 3.80 -19.96
C VAL A 247 5.42 2.83 -19.18
N SER A 248 6.25 3.37 -18.29
CA SER A 248 7.14 2.53 -17.50
C SER A 248 6.45 2.11 -16.22
N SER A 249 6.82 0.94 -15.71
CA SER A 249 6.25 0.42 -14.48
C SER A 249 6.80 1.20 -13.29
N ALA A 250 8.02 1.72 -13.44
CA ALA A 250 8.67 2.46 -12.37
C ALA A 250 7.80 3.62 -11.91
N THR A 251 7.27 4.37 -12.87
CA THR A 251 6.43 5.51 -12.59
C THR A 251 5.35 5.23 -11.55
N PHE A 252 4.89 3.98 -11.46
CA PHE A 252 3.87 3.62 -10.50
C PHE A 252 4.40 3.52 -9.06
N LEU A 253 5.72 3.51 -8.92
CA LEU A 253 6.33 3.44 -7.60
C LEU A 253 6.50 4.85 -7.03
N GLU A 254 6.00 5.83 -7.78
CA GLU A 254 6.06 7.23 -7.35
C GLU A 254 4.83 7.48 -6.47
N SER A 255 4.84 8.59 -5.73
CA SER A 255 3.72 8.93 -4.85
C SER A 255 2.37 8.78 -5.53
N CYS A 256 2.30 9.20 -6.78
CA CYS A 256 1.09 9.15 -7.58
C CYS A 256 0.58 7.72 -7.81
N GLY A 257 1.46 6.75 -7.62
CA GLY A 257 1.08 5.37 -7.85
C GLY A 257 0.73 4.58 -6.60
N VAL A 258 1.71 3.85 -6.09
CA VAL A 258 1.50 3.03 -4.91
C VAL A 258 0.94 3.80 -3.71
N ALA A 259 1.61 4.88 -3.36
CA ALA A 259 1.21 5.69 -2.20
C ALA A 259 -0.24 6.18 -2.20
N ASP A 260 -0.63 6.92 -3.24
CA ASP A 260 -1.98 7.46 -3.33
C ASP A 260 -2.98 6.32 -3.34
N LEU A 261 -2.56 5.19 -3.90
CA LEU A 261 -3.39 4.00 -3.96
C LEU A 261 -3.67 3.60 -2.50
N ILE A 262 -2.62 3.58 -1.70
CA ILE A 262 -2.72 3.20 -0.29
C ILE A 262 -3.51 4.19 0.59
N THR A 263 -3.14 5.46 0.56
CA THR A 263 -3.83 6.44 1.39
C THR A 263 -5.31 6.60 1.05
N THR A 264 -5.63 6.52 -0.23
CA THR A 264 -7.00 6.67 -0.68
C THR A 264 -7.86 5.50 -0.23
N CYS A 265 -7.30 4.30 -0.35
CA CYS A 265 -8.00 3.09 0.04
C CYS A 265 -8.25 3.00 1.55
N TYR A 266 -7.48 3.75 2.34
CA TYR A 266 -7.63 3.75 3.81
C TYR A 266 -8.34 4.94 4.42
N GLY A 267 -8.21 6.12 3.82
CA GLY A 267 -8.86 7.29 4.39
C GLY A 267 -9.46 8.24 3.37
N GLY A 268 -9.78 7.72 2.20
CA GLY A 268 -10.36 8.56 1.16
C GLY A 268 -11.87 8.62 1.17
N ARG A 269 -12.39 9.65 0.52
CA ARG A 269 -13.84 9.86 0.44
C ARG A 269 -14.53 8.74 -0.34
N ASN A 270 -13.87 8.23 -1.37
CA ASN A 270 -14.43 7.13 -2.17
C ASN A 270 -14.57 5.87 -1.31
N ARG A 271 -13.61 5.65 -0.42
CA ARG A 271 -13.68 4.49 0.44
C ARG A 271 -14.85 4.62 1.39
N LYS A 272 -14.98 5.78 2.03
CA LYS A 272 -16.07 6.01 2.97
C LYS A 272 -17.43 5.74 2.33
N VAL A 273 -17.68 6.37 1.18
CA VAL A 273 -18.95 6.19 0.48
C VAL A 273 -19.10 4.76 -0.01
N ALA A 274 -18.00 4.17 -0.48
CA ALA A 274 -18.04 2.81 -0.97
C ALA A 274 -18.54 1.87 0.12
N GLU A 275 -18.10 2.12 1.35
CA GLU A 275 -18.50 1.30 2.47
C GLU A 275 -19.99 1.51 2.80
N ALA A 276 -20.42 2.77 2.87
CA ALA A 276 -21.80 3.09 3.17
C ALA A 276 -22.71 2.48 2.11
N PHE A 277 -22.22 2.43 0.87
CA PHE A 277 -22.99 1.86 -0.23
C PHE A 277 -23.12 0.36 -0.06
N ALA A 278 -22.06 -0.28 0.43
CA ALA A 278 -22.07 -1.72 0.65
C ALA A 278 -23.01 -2.08 1.79
N ARG A 279 -23.21 -1.14 2.71
CA ARG A 279 -24.08 -1.35 3.88
C ARG A 279 -25.54 -0.94 3.72
N THR A 280 -25.77 0.29 3.28
CA THR A 280 -27.12 0.84 3.17
C THR A 280 -27.89 0.45 1.93
N GLY A 281 -27.20 0.44 0.79
CA GLY A 281 -27.87 0.11 -0.46
C GLY A 281 -28.43 1.39 -1.09
N LYS A 282 -28.13 2.54 -0.49
CA LYS A 282 -28.61 3.79 -1.04
C LYS A 282 -27.79 4.05 -2.30
N SER A 283 -28.23 4.97 -3.14
CA SER A 283 -27.49 5.28 -4.35
C SER A 283 -26.21 6.03 -4.01
N ILE A 284 -25.20 5.89 -4.85
CA ILE A 284 -23.94 6.57 -4.64
C ILE A 284 -24.24 8.06 -4.59
N GLU A 285 -25.03 8.53 -5.55
CA GLU A 285 -25.40 9.93 -5.61
C GLU A 285 -26.00 10.41 -4.30
N GLN A 286 -26.92 9.65 -3.73
CA GLN A 286 -27.56 10.01 -2.48
C GLN A 286 -26.57 9.99 -1.31
N LEU A 287 -25.66 9.02 -1.32
CA LEU A 287 -24.67 8.94 -0.25
C LEU A 287 -23.71 10.12 -0.36
N GLU A 288 -23.35 10.46 -1.59
CA GLU A 288 -22.44 11.56 -1.83
C GLU A 288 -23.03 12.83 -1.21
N LYS A 289 -24.34 13.01 -1.37
CA LYS A 289 -25.00 14.17 -0.83
C LYS A 289 -25.14 14.11 0.69
N GLU A 290 -25.50 12.94 1.22
CA GLU A 290 -25.68 12.81 2.65
C GLU A 290 -24.41 12.77 3.49
N LEU A 291 -23.28 12.41 2.88
CA LEU A 291 -22.02 12.29 3.63
C LEU A 291 -20.90 13.30 3.42
N LEU A 292 -20.72 13.80 2.20
CA LEU A 292 -19.62 14.70 1.91
C LEU A 292 -19.90 16.19 1.93
N ASN A 293 -21.04 16.58 2.51
CA ASN A 293 -21.44 17.99 2.61
C ASN A 293 -20.92 18.85 1.45
N GLY A 294 -21.29 18.48 0.23
CA GLY A 294 -20.88 19.26 -0.92
C GLY A 294 -19.72 18.71 -1.73
N GLN A 295 -18.78 18.04 -1.07
CA GLN A 295 -17.63 17.49 -1.78
C GLN A 295 -18.03 16.47 -2.83
N LYS A 296 -17.17 16.27 -3.82
CA LYS A 296 -17.46 15.35 -4.93
C LYS A 296 -16.58 14.11 -5.05
N LEU A 297 -17.22 12.96 -5.25
CA LEU A 297 -16.47 11.72 -5.44
C LEU A 297 -16.07 11.65 -6.90
N GLN A 298 -14.87 11.18 -7.15
CA GLN A 298 -14.37 11.07 -8.51
C GLN A 298 -14.27 9.60 -8.92
N GLY A 299 -14.32 8.71 -7.93
CA GLY A 299 -14.21 7.29 -8.22
C GLY A 299 -15.31 6.65 -9.06
N PRO A 300 -16.57 6.67 -8.60
CA PRO A 300 -17.65 6.07 -9.38
C PRO A 300 -17.80 6.59 -10.82
N GLU A 301 -17.70 7.90 -11.01
CA GLU A 301 -17.81 8.45 -12.35
C GLU A 301 -16.65 8.01 -13.22
N THR A 302 -15.49 7.83 -12.61
CA THR A 302 -14.31 7.38 -13.36
C THR A 302 -14.53 5.96 -13.83
N ALA A 303 -15.13 5.13 -12.99
CA ALA A 303 -15.40 3.75 -13.37
C ALA A 303 -16.39 3.77 -14.54
N ARG A 304 -17.40 4.66 -14.45
CA ARG A 304 -18.39 4.81 -15.50
C ARG A 304 -17.68 5.14 -16.81
N GLU A 305 -16.59 5.90 -16.71
CA GLU A 305 -15.80 6.29 -17.87
C GLU A 305 -14.93 5.16 -18.42
N LEU A 306 -14.30 4.38 -17.54
CA LEU A 306 -13.48 3.28 -18.00
C LEU A 306 -14.38 2.30 -18.76
N TYR A 307 -15.60 2.11 -18.26
CA TYR A 307 -16.56 1.22 -18.92
C TYR A 307 -16.80 1.67 -20.36
N SER A 308 -17.00 2.98 -20.52
CA SER A 308 -17.25 3.58 -21.83
C SER A 308 -16.06 3.33 -22.75
N ILE A 309 -14.86 3.58 -22.24
CA ILE A 309 -13.64 3.39 -23.02
C ILE A 309 -13.49 1.92 -23.44
N LEU A 310 -13.53 1.02 -22.47
CA LEU A 310 -13.39 -0.40 -22.73
C LEU A 310 -14.48 -0.95 -23.65
N GLN A 311 -15.71 -0.50 -23.45
CA GLN A 311 -16.80 -0.99 -24.28
C GLN A 311 -16.70 -0.50 -25.71
N HIS A 312 -15.80 0.45 -25.96
CA HIS A 312 -15.61 0.96 -27.31
C HIS A 312 -14.47 0.18 -27.98
N LYS A 313 -13.69 -0.52 -27.17
CA LYS A 313 -12.59 -1.34 -27.69
C LYS A 313 -12.97 -2.82 -27.54
N GLY A 314 -14.11 -3.05 -26.90
CA GLY A 314 -14.58 -4.41 -26.69
C GLY A 314 -13.71 -5.16 -25.71
N LEU A 315 -13.21 -4.46 -24.70
CA LEU A 315 -12.34 -5.09 -23.72
C LEU A 315 -12.89 -5.00 -22.29
N VAL A 316 -14.21 -4.89 -22.16
CA VAL A 316 -14.84 -4.81 -20.84
C VAL A 316 -14.45 -6.03 -19.99
N ASP A 317 -14.25 -7.15 -20.67
CA ASP A 317 -13.88 -8.39 -19.99
C ASP A 317 -12.40 -8.48 -19.56
N LYS A 318 -11.59 -7.50 -19.94
CA LYS A 318 -10.16 -7.51 -19.59
C LYS A 318 -9.80 -6.92 -18.23
N PHE A 319 -10.73 -6.19 -17.63
CA PHE A 319 -10.48 -5.58 -16.32
C PHE A 319 -11.60 -5.88 -15.34
N PRO A 320 -11.58 -7.10 -14.78
CA PRO A 320 -12.54 -7.65 -13.81
C PRO A 320 -12.84 -6.73 -12.63
N LEU A 321 -11.78 -6.31 -11.95
CA LEU A 321 -11.90 -5.45 -10.79
C LEU A 321 -12.55 -4.09 -11.10
N PHE A 322 -12.00 -3.37 -12.07
CA PHE A 322 -12.56 -2.07 -12.48
C PHE A 322 -14.04 -2.23 -12.86
N MET A 323 -14.34 -3.21 -13.71
CA MET A 323 -15.70 -3.43 -14.15
C MET A 323 -16.62 -3.95 -13.05
N ALA A 324 -16.04 -4.62 -12.05
CA ALA A 324 -16.82 -5.11 -10.91
C ALA A 324 -17.21 -3.87 -10.09
N VAL A 325 -16.28 -2.93 -9.98
CA VAL A 325 -16.53 -1.70 -9.25
C VAL A 325 -17.64 -0.95 -9.97
N TYR A 326 -17.50 -0.85 -11.29
CA TYR A 326 -18.48 -0.16 -12.11
C TYR A 326 -19.86 -0.81 -12.05
N LYS A 327 -19.90 -2.14 -12.11
CA LYS A 327 -21.17 -2.85 -12.08
C LYS A 327 -21.90 -2.77 -10.74
N VAL A 328 -21.14 -2.76 -9.65
CA VAL A 328 -21.74 -2.67 -8.34
C VAL A 328 -22.27 -1.26 -8.15
N CYS A 329 -21.54 -0.29 -8.70
CA CYS A 329 -21.94 1.11 -8.60
C CYS A 329 -23.11 1.46 -9.50
N TYR A 330 -23.15 0.91 -10.70
CA TYR A 330 -24.22 1.28 -11.62
C TYR A 330 -25.17 0.26 -12.20
N GLU A 331 -24.83 -1.03 -12.16
CA GLU A 331 -25.73 -2.03 -12.73
C GLU A 331 -26.62 -2.73 -11.72
N GLY A 332 -26.26 -2.63 -10.45
CA GLY A 332 -27.05 -3.29 -9.43
C GLY A 332 -26.50 -4.65 -9.07
N GLN A 333 -25.27 -4.94 -9.48
CA GLN A 333 -24.66 -6.22 -9.14
C GLN A 333 -24.50 -6.22 -7.63
N PRO A 334 -24.87 -7.32 -6.97
CA PRO A 334 -24.75 -7.42 -5.51
C PRO A 334 -23.32 -7.15 -5.05
N VAL A 335 -23.16 -6.34 -4.01
CA VAL A 335 -21.82 -6.03 -3.51
C VAL A 335 -21.11 -7.28 -2.99
N GLY A 336 -21.88 -8.21 -2.41
CA GLY A 336 -21.31 -9.43 -1.90
C GLY A 336 -20.52 -10.19 -2.94
N GLU A 337 -20.86 -9.96 -4.21
CA GLU A 337 -20.21 -10.61 -5.33
C GLU A 337 -18.86 -10.03 -5.70
N PHE A 338 -18.40 -9.02 -4.96
CA PHE A 338 -17.12 -8.39 -5.28
C PHE A 338 -15.91 -9.30 -5.07
N ILE A 339 -15.89 -10.04 -3.96
CA ILE A 339 -14.78 -10.94 -3.70
C ILE A 339 -14.58 -11.89 -4.87
N HIS A 340 -15.68 -12.20 -5.55
CA HIS A 340 -15.63 -13.12 -6.67
C HIS A 340 -14.72 -12.65 -7.80
N CYS A 341 -14.56 -11.34 -7.95
CA CYS A 341 -13.70 -10.83 -9.01
C CYS A 341 -12.23 -10.88 -8.58
N LEU A 342 -12.00 -11.12 -7.29
CA LEU A 342 -10.63 -11.23 -6.81
C LEU A 342 -10.24 -12.71 -6.89
N GLN A 343 -11.09 -13.58 -6.35
CA GLN A 343 -10.84 -15.02 -6.36
C GLN A 343 -10.57 -15.57 -7.75
N ASN A 344 -11.23 -15.01 -8.76
CA ASN A 344 -11.05 -15.47 -10.13
C ASN A 344 -10.23 -14.51 -10.96
N HIS A 345 -9.57 -13.57 -10.30
CA HIS A 345 -8.77 -12.59 -11.03
C HIS A 345 -7.52 -13.22 -11.60
N PRO A 346 -7.13 -12.82 -12.81
CA PRO A 346 -5.91 -13.38 -13.42
C PRO A 346 -4.71 -13.06 -12.53
N GLU A 347 -3.66 -13.86 -12.64
CA GLU A 347 -2.48 -13.68 -11.82
C GLU A 347 -1.53 -12.65 -12.37
N HIS A 348 -1.59 -12.42 -13.68
CA HIS A 348 -0.73 -11.44 -14.33
C HIS A 348 -1.43 -10.82 -15.52
N MET A 349 -1.06 -9.58 -15.83
CA MET A 349 -1.64 -8.86 -16.95
C MET A 349 -0.53 -8.10 -17.68
N ALA B 2 2.06 -42.93 -3.61
CA ALA B 2 1.86 -42.81 -2.13
C ALA B 2 1.63 -41.36 -1.73
N SER B 3 0.74 -41.16 -0.76
CA SER B 3 0.43 -39.81 -0.28
C SER B 3 1.62 -39.29 0.52
N LYS B 4 1.85 -37.98 0.43
CA LYS B 4 2.95 -37.32 1.12
C LYS B 4 2.61 -37.01 2.58
N LYS B 5 3.58 -37.19 3.47
CA LYS B 5 3.38 -36.89 4.88
C LYS B 5 3.88 -35.47 5.09
N VAL B 6 3.11 -34.67 5.83
CA VAL B 6 3.47 -33.29 6.09
C VAL B 6 3.74 -33.01 7.56
N CYS B 7 4.78 -32.24 7.83
CA CYS B 7 5.11 -31.87 9.20
C CYS B 7 5.23 -30.37 9.31
N ILE B 8 4.52 -29.80 10.27
CA ILE B 8 4.58 -28.37 10.50
C ILE B 8 5.52 -28.11 11.66
N VAL B 9 6.70 -27.58 11.37
CA VAL B 9 7.68 -27.27 12.40
C VAL B 9 7.40 -25.85 12.84
N GLY B 10 6.67 -25.71 13.95
CA GLY B 10 6.31 -24.41 14.47
C GLY B 10 4.86 -24.47 14.88
N SER B 11 4.45 -23.63 15.83
CA SER B 11 3.06 -23.67 16.29
C SER B 11 2.53 -22.37 16.89
N GLY B 12 3.08 -21.23 16.47
CA GLY B 12 2.63 -19.96 17.01
C GLY B 12 1.44 -19.36 16.31
N ASN B 13 1.32 -18.03 16.37
CA ASN B 13 0.22 -17.32 15.73
C ASN B 13 0.03 -17.81 14.29
N TRP B 14 1.09 -17.69 13.50
CA TRP B 14 1.07 -18.12 12.10
C TRP B 14 1.09 -19.64 11.99
N GLY B 15 1.99 -20.27 12.73
CA GLY B 15 2.10 -21.71 12.71
C GLY B 15 0.77 -22.40 12.96
N SER B 16 0.00 -21.87 13.90
CA SER B 16 -1.30 -22.44 14.22
C SER B 16 -2.31 -22.17 13.11
N ALA B 17 -2.26 -20.97 12.54
CA ALA B 17 -3.17 -20.63 11.46
C ALA B 17 -2.90 -21.57 10.29
N ILE B 18 -1.61 -21.75 9.98
CA ILE B 18 -1.21 -22.62 8.89
C ILE B 18 -1.71 -24.04 9.14
N ALA B 19 -1.66 -24.46 10.41
CA ALA B 19 -2.12 -25.80 10.77
C ALA B 19 -3.57 -26.00 10.33
N LYS B 20 -4.39 -24.97 10.51
CA LYS B 20 -5.80 -25.04 10.11
C LYS B 20 -5.88 -25.25 8.60
N ILE B 21 -5.13 -24.48 7.84
CA ILE B 21 -5.14 -24.61 6.38
C ILE B 21 -4.58 -25.96 5.93
N VAL B 22 -3.42 -26.33 6.47
CA VAL B 22 -2.78 -27.59 6.09
C VAL B 22 -3.57 -28.78 6.59
N GLY B 23 -4.10 -28.68 7.80
CA GLY B 23 -4.89 -29.76 8.35
C GLY B 23 -6.11 -30.00 7.49
N GLY B 24 -6.79 -28.92 7.14
CA GLY B 24 -7.98 -29.01 6.31
C GLY B 24 -7.72 -29.63 4.94
N ASN B 25 -6.62 -29.25 4.30
CA ASN B 25 -6.30 -29.79 2.98
C ASN B 25 -5.83 -31.25 3.00
N ALA B 26 -5.03 -31.60 3.99
CA ALA B 26 -4.53 -32.96 4.12
C ALA B 26 -5.69 -33.95 4.31
N ALA B 27 -6.70 -33.53 5.05
CA ALA B 27 -7.85 -34.38 5.31
C ALA B 27 -8.77 -34.53 4.11
N GLN B 28 -8.90 -33.47 3.32
CA GLN B 28 -9.78 -33.51 2.17
C GLN B 28 -9.07 -33.97 0.90
N LEU B 29 -7.74 -33.89 0.88
CA LEU B 29 -6.99 -34.30 -0.31
C LEU B 29 -6.33 -35.66 -0.18
N ALA B 30 -6.38 -36.42 -1.27
CA ALA B 30 -5.83 -37.77 -1.32
C ALA B 30 -4.31 -37.80 -1.39
N GLN B 31 -3.72 -36.90 -2.18
CA GLN B 31 -2.26 -36.87 -2.33
C GLN B 31 -1.52 -36.55 -1.03
N PHE B 32 -2.24 -36.14 0.01
CA PHE B 32 -1.60 -35.84 1.28
C PHE B 32 -2.10 -36.74 2.40
N ASP B 33 -1.15 -37.24 3.19
CA ASP B 33 -1.48 -38.10 4.32
C ASP B 33 -2.34 -37.29 5.29
N PRO B 34 -3.51 -37.83 5.69
CA PRO B 34 -4.35 -37.09 6.63
C PRO B 34 -3.68 -36.79 7.96
N ARG B 35 -2.72 -37.61 8.36
CA ARG B 35 -2.04 -37.34 9.63
C ARG B 35 -0.96 -36.25 9.44
N VAL B 36 -1.18 -35.10 10.06
CA VAL B 36 -0.26 -33.98 9.98
C VAL B 36 0.33 -33.67 11.34
N THR B 37 1.64 -33.82 11.48
CA THR B 37 2.27 -33.52 12.76
C THR B 37 2.62 -32.05 12.83
N MET B 38 2.71 -31.54 14.06
CA MET B 38 3.07 -30.15 14.29
C MET B 38 3.98 -30.13 15.49
N TRP B 39 5.24 -29.77 15.28
CA TRP B 39 6.17 -29.70 16.40
C TRP B 39 5.74 -28.54 17.27
N VAL B 40 5.67 -28.79 18.57
CA VAL B 40 5.27 -27.77 19.52
C VAL B 40 6.26 -27.64 20.65
N PHE B 41 6.99 -26.53 20.67
CA PHE B 41 7.94 -26.27 21.72
C PHE B 41 7.11 -26.40 23.00
N GLU B 42 7.39 -27.43 23.81
CA GLU B 42 6.62 -27.67 25.03
C GLU B 42 6.59 -26.51 26.01
N GLU B 43 5.41 -26.29 26.59
CA GLU B 43 5.19 -25.22 27.56
C GLU B 43 4.24 -25.70 28.63
N ASP B 44 4.42 -25.20 29.85
CA ASP B 44 3.52 -25.54 30.96
C ASP B 44 2.52 -24.40 31.11
N ILE B 45 1.24 -24.71 30.98
CA ILE B 45 0.21 -23.71 31.10
C ILE B 45 -0.74 -24.14 32.22
N GLY B 46 -0.58 -23.55 33.40
CA GLY B 46 -1.42 -23.91 34.53
C GLY B 46 -1.25 -25.36 34.96
N GLY B 47 -0.04 -25.88 34.84
CA GLY B 47 0.20 -27.26 35.23
C GLY B 47 -0.02 -28.26 34.10
N LYS B 48 -0.84 -27.89 33.11
CA LYS B 48 -1.09 -28.77 31.98
C LYS B 48 -0.01 -28.53 30.90
N LYS B 49 0.32 -29.57 30.14
CA LYS B 49 1.31 -29.44 29.05
C LYS B 49 0.57 -28.96 27.81
N LEU B 50 1.13 -27.96 27.13
CA LEU B 50 0.49 -27.41 25.94
C LEU B 50 0.21 -28.47 24.87
N THR B 51 1.14 -29.39 24.65
CA THR B 51 0.92 -30.41 23.65
C THR B 51 -0.30 -31.24 24.02
N GLU B 52 -0.43 -31.51 25.31
CA GLU B 52 -1.55 -32.27 25.85
C GLU B 52 -2.86 -31.53 25.59
N ILE B 53 -2.84 -30.24 25.87
CA ILE B 53 -4.02 -29.40 25.69
C ILE B 53 -4.42 -29.32 24.23
N ILE B 54 -3.42 -29.24 23.36
CA ILE B 54 -3.68 -29.15 21.93
C ILE B 54 -4.31 -30.43 21.39
N ASN B 55 -3.80 -31.58 21.82
CA ASN B 55 -4.34 -32.83 21.32
C ASN B 55 -5.65 -33.19 22.00
N THR B 56 -5.90 -32.59 23.16
CA THR B 56 -7.13 -32.86 23.90
C THR B 56 -8.26 -31.92 23.50
N GLN B 57 -7.96 -30.63 23.47
CA GLN B 57 -8.96 -29.64 23.12
C GLN B 57 -8.86 -29.16 21.67
N HIS B 58 -7.80 -29.60 20.99
CA HIS B 58 -7.59 -29.22 19.59
C HIS B 58 -7.70 -27.71 19.37
N GLU B 59 -6.83 -26.96 20.04
CA GLU B 59 -6.81 -25.51 19.94
C GLU B 59 -5.57 -24.99 20.65
N ASN B 60 -4.96 -23.93 20.13
CA ASN B 60 -3.78 -23.34 20.73
C ASN B 60 -4.16 -21.88 21.01
N VAL B 61 -5.15 -21.71 21.89
CA VAL B 61 -5.68 -20.40 22.25
C VAL B 61 -4.63 -19.37 22.68
N LYS B 62 -3.58 -19.80 23.37
CA LYS B 62 -2.55 -18.86 23.77
C LYS B 62 -2.01 -18.08 22.57
N TYR B 63 -1.74 -18.77 21.47
CA TYR B 63 -1.19 -18.12 20.27
C TYR B 63 -2.18 -17.82 19.16
N LEU B 64 -3.30 -18.53 19.12
CA LEU B 64 -4.31 -18.29 18.10
C LEU B 64 -5.67 -18.38 18.76
N PRO B 65 -6.10 -17.28 19.42
CA PRO B 65 -7.38 -17.15 20.13
C PRO B 65 -8.64 -17.34 19.29
N GLY B 66 -9.64 -17.94 19.91
CA GLY B 66 -10.93 -18.16 19.27
C GLY B 66 -10.96 -19.05 18.05
N HIS B 67 -10.03 -20.00 17.99
CA HIS B 67 -9.99 -20.90 16.85
C HIS B 67 -9.66 -22.32 17.25
N LYS B 68 -10.24 -23.27 16.51
CA LYS B 68 -9.98 -24.67 16.75
C LYS B 68 -8.99 -25.10 15.70
N LEU B 69 -8.28 -26.18 15.97
CA LEU B 69 -7.33 -26.71 15.01
C LEU B 69 -7.92 -28.03 14.55
N PRO B 70 -7.74 -28.39 13.26
CA PRO B 70 -8.28 -29.66 12.78
C PRO B 70 -7.78 -30.81 13.68
N PRO B 71 -8.68 -31.74 14.07
CA PRO B 71 -8.32 -32.87 14.92
C PRO B 71 -7.12 -33.67 14.42
N ASN B 72 -6.99 -33.78 13.10
CA ASN B 72 -5.91 -34.53 12.47
C ASN B 72 -4.51 -33.92 12.63
N VAL B 73 -4.43 -32.68 13.05
CA VAL B 73 -3.12 -32.07 13.28
C VAL B 73 -2.70 -32.55 14.66
N VAL B 74 -1.60 -33.28 14.74
CA VAL B 74 -1.15 -33.79 16.03
C VAL B 74 0.07 -33.05 16.57
N ALA B 75 -0.06 -32.60 17.82
CA ALA B 75 1.01 -31.88 18.50
C ALA B 75 2.05 -32.86 19.05
N VAL B 76 3.30 -32.70 18.63
CA VAL B 76 4.41 -33.56 19.05
C VAL B 76 5.54 -32.69 19.61
N PRO B 77 5.87 -32.83 20.90
CA PRO B 77 6.92 -32.06 21.58
C PRO B 77 8.37 -32.24 21.12
N ASP B 78 8.70 -33.41 20.58
CA ASP B 78 10.06 -33.66 20.10
C ASP B 78 10.12 -33.42 18.59
N VAL B 79 10.97 -32.49 18.18
CA VAL B 79 11.08 -32.14 16.77
C VAL B 79 11.47 -33.30 15.88
N VAL B 80 12.46 -34.08 16.29
CA VAL B 80 12.89 -35.21 15.49
C VAL B 80 11.71 -36.14 15.22
N GLN B 81 10.98 -36.48 16.29
CA GLN B 81 9.83 -37.35 16.15
C GLN B 81 8.78 -36.74 15.24
N ALA B 82 8.62 -35.43 15.32
CA ALA B 82 7.64 -34.74 14.48
C ALA B 82 7.97 -34.83 13.00
N ALA B 83 9.25 -34.67 12.66
CA ALA B 83 9.68 -34.69 11.27
C ALA B 83 10.14 -36.04 10.69
N GLU B 84 10.53 -36.96 11.54
CA GLU B 84 11.01 -38.30 11.14
C GLU B 84 10.56 -38.81 9.77
N ASP B 85 9.26 -39.07 9.64
CA ASP B 85 8.72 -39.62 8.40
C ASP B 85 8.05 -38.64 7.45
N ALA B 86 8.34 -37.35 7.60
CA ALA B 86 7.73 -36.35 6.74
C ALA B 86 8.40 -36.20 5.38
N ASP B 87 7.57 -35.99 4.35
CA ASP B 87 8.04 -35.80 2.98
C ASP B 87 8.11 -34.30 2.65
N ILE B 88 7.34 -33.51 3.39
CA ILE B 88 7.28 -32.06 3.21
C ILE B 88 7.32 -31.42 4.60
N LEU B 89 8.23 -30.47 4.78
CA LEU B 89 8.37 -29.79 6.06
C LEU B 89 8.15 -28.29 5.96
N ILE B 90 7.11 -27.81 6.63
CA ILE B 90 6.79 -26.39 6.64
C ILE B 90 7.51 -25.80 7.84
N PHE B 91 8.50 -24.96 7.57
CA PHE B 91 9.25 -24.33 8.64
C PHE B 91 8.62 -23.00 9.00
N VAL B 92 8.01 -22.94 10.17
CA VAL B 92 7.35 -21.72 10.59
C VAL B 92 7.51 -21.45 12.08
N VAL B 93 8.70 -21.00 12.46
CA VAL B 93 8.98 -20.69 13.86
C VAL B 93 9.70 -19.34 13.89
N PRO B 94 9.80 -18.73 15.08
CA PRO B 94 10.48 -17.44 15.17
C PRO B 94 11.93 -17.58 14.72
N HIS B 95 12.39 -16.60 13.95
CA HIS B 95 13.76 -16.57 13.42
C HIS B 95 14.84 -17.08 14.38
N GLN B 96 14.79 -16.60 15.61
CA GLN B 96 15.80 -16.96 16.62
C GLN B 96 15.83 -18.39 17.13
N PHE B 97 14.98 -19.26 16.60
CA PHE B 97 14.99 -20.64 17.07
C PHE B 97 15.22 -21.65 15.94
N ILE B 98 15.05 -21.19 14.70
CA ILE B 98 15.24 -22.06 13.54
C ILE B 98 16.64 -22.65 13.54
N GLY B 99 17.60 -21.85 13.98
CA GLY B 99 18.98 -22.30 14.02
C GLY B 99 19.10 -23.60 14.78
N LYS B 100 18.80 -23.54 16.07
CA LYS B 100 18.86 -24.69 16.96
C LYS B 100 17.99 -25.87 16.52
N ILE B 101 16.90 -25.59 15.80
CA ILE B 101 16.03 -26.66 15.34
C ILE B 101 16.67 -27.46 14.21
N CYS B 102 17.44 -26.79 13.37
CA CYS B 102 18.14 -27.49 12.29
C CYS B 102 19.20 -28.38 12.97
N ASP B 103 19.53 -28.05 14.22
CA ASP B 103 20.47 -28.79 15.07
C ASP B 103 20.04 -30.24 15.06
N GLN B 104 19.04 -30.46 15.88
CA GLN B 104 18.43 -31.74 16.13
C GLN B 104 17.97 -32.45 14.86
N LEU B 105 17.45 -31.71 13.91
CA LEU B 105 16.95 -32.33 12.69
C LEU B 105 18.02 -32.85 11.75
N LYS B 106 19.17 -32.18 11.72
CA LYS B 106 20.24 -32.58 10.82
C LYS B 106 20.49 -34.09 10.75
N GLY B 107 20.28 -34.67 9.58
CA GLY B 107 20.53 -36.09 9.40
C GLY B 107 19.43 -37.04 9.82
N HIS B 108 18.33 -36.54 10.36
CA HIS B 108 17.24 -37.41 10.77
C HIS B 108 15.99 -37.22 9.89
N LEU B 109 16.19 -36.83 8.64
CA LEU B 109 15.06 -36.63 7.75
C LEU B 109 15.00 -37.71 6.68
N LYS B 110 13.87 -37.77 5.98
CA LYS B 110 13.71 -38.77 4.93
C LYS B 110 14.59 -38.46 3.72
N ALA B 111 14.79 -39.47 2.89
CA ALA B 111 15.62 -39.34 1.70
C ALA B 111 15.26 -38.11 0.86
N ASN B 112 14.12 -38.17 0.19
CA ASN B 112 13.70 -37.07 -0.68
C ASN B 112 12.74 -36.06 -0.09
N PRO B 113 12.95 -35.72 1.18
CA PRO B 113 12.09 -34.74 1.83
C PRO B 113 12.38 -33.34 1.28
N THR B 114 11.34 -32.56 1.04
CA THR B 114 11.49 -31.20 0.55
C THR B 114 10.99 -30.29 1.65
N GLY B 115 11.24 -28.98 1.52
CA GLY B 115 10.79 -28.05 2.54
C GLY B 115 10.38 -26.68 2.03
N ILE B 116 9.55 -26.00 2.81
CA ILE B 116 9.06 -24.68 2.48
C ILE B 116 9.17 -23.83 3.74
N SER B 117 9.71 -22.63 3.60
CA SER B 117 9.88 -21.74 4.74
C SER B 117 8.94 -20.55 4.72
N LEU B 118 8.39 -20.22 5.89
CA LEU B 118 7.46 -19.10 6.06
C LEU B 118 8.07 -18.05 6.98
N ILE B 119 9.31 -18.29 7.40
CA ILE B 119 10.02 -17.39 8.32
C ILE B 119 10.51 -16.10 7.66
N LYS B 120 10.14 -14.97 8.27
CA LYS B 120 10.52 -13.66 7.74
C LYS B 120 11.69 -13.01 8.47
N GLY B 121 12.81 -12.91 7.78
CA GLY B 121 14.02 -12.33 8.33
C GLY B 121 15.18 -12.63 7.43
N VAL B 122 16.38 -12.23 7.84
CA VAL B 122 17.55 -12.50 7.02
C VAL B 122 18.73 -12.90 7.87
N ASP B 123 19.61 -13.66 7.25
CA ASP B 123 20.82 -14.10 7.92
C ASP B 123 22.01 -13.57 7.15
N GLU B 124 23.15 -13.65 7.80
CA GLU B 124 24.36 -13.13 7.21
C GLU B 124 25.39 -14.22 6.99
N GLY B 125 26.09 -14.13 5.87
CA GLY B 125 27.13 -15.10 5.56
C GLY B 125 28.47 -14.39 5.47
N PRO B 126 29.58 -15.09 5.79
CA PRO B 126 30.92 -14.50 5.74
C PRO B 126 31.11 -13.74 4.43
N ASN B 127 30.23 -14.02 3.48
CA ASN B 127 30.26 -13.39 2.16
C ASN B 127 28.88 -12.90 1.70
N GLY B 128 28.45 -11.75 2.24
CA GLY B 128 27.17 -11.17 1.87
C GLY B 128 25.97 -11.65 2.69
N LEU B 129 24.78 -11.36 2.18
CA LEU B 129 23.54 -11.74 2.85
C LEU B 129 23.27 -13.24 2.70
N LYS B 130 22.63 -13.83 3.70
CA LYS B 130 22.33 -15.24 3.62
C LYS B 130 20.88 -15.50 4.01
N LEU B 131 20.10 -15.96 3.03
CA LEU B 131 18.69 -16.24 3.25
C LEU B 131 18.45 -17.42 4.20
N ILE B 132 17.46 -17.28 5.08
CA ILE B 132 17.12 -18.34 6.03
C ILE B 132 16.85 -19.64 5.28
N SER B 133 16.13 -19.55 4.17
CA SER B 133 15.80 -20.73 3.38
C SER B 133 17.06 -21.44 2.92
N GLU B 134 18.10 -20.69 2.55
CA GLU B 134 19.35 -21.27 2.13
C GLU B 134 19.98 -22.03 3.28
N VAL B 135 20.13 -21.34 4.41
CA VAL B 135 20.72 -21.93 5.60
C VAL B 135 20.02 -23.23 5.99
N ILE B 136 18.70 -23.23 5.94
CA ILE B 136 17.95 -24.44 6.30
C ILE B 136 18.20 -25.55 5.26
N GLY B 137 18.09 -25.19 3.97
CA GLY B 137 18.30 -26.15 2.91
C GLY B 137 19.71 -26.73 2.87
N GLU B 138 20.69 -25.95 3.33
CA GLU B 138 22.08 -26.37 3.35
C GLU B 138 22.36 -27.34 4.50
N ARG B 139 21.93 -26.95 5.70
CA ARG B 139 22.12 -27.77 6.88
C ARG B 139 21.36 -29.09 6.80
N LEU B 140 20.12 -29.03 6.34
CA LEU B 140 19.29 -30.24 6.25
C LEU B 140 19.42 -30.91 4.88
N GLY B 141 20.13 -30.25 3.96
CA GLY B 141 20.30 -30.82 2.64
C GLY B 141 19.04 -31.17 1.87
N ILE B 142 18.02 -30.30 1.92
CA ILE B 142 16.79 -30.56 1.18
C ILE B 142 16.34 -29.37 0.32
N PRO B 143 15.67 -29.64 -0.80
CA PRO B 143 15.16 -28.62 -1.73
C PRO B 143 14.24 -27.66 -0.98
N MET B 144 14.44 -26.36 -1.15
CA MET B 144 13.64 -25.40 -0.43
C MET B 144 12.76 -24.45 -1.24
N SER B 145 11.61 -24.13 -0.66
CA SER B 145 10.64 -23.20 -1.23
C SER B 145 10.25 -22.26 -0.11
N VAL B 146 9.53 -21.19 -0.45
CA VAL B 146 9.09 -20.23 0.55
C VAL B 146 7.67 -19.77 0.29
N LEU B 147 7.02 -19.29 1.34
CA LEU B 147 5.67 -18.78 1.25
C LEU B 147 5.69 -17.42 1.91
N MET B 148 5.36 -16.39 1.15
CA MET B 148 5.39 -15.02 1.64
C MET B 148 4.24 -14.18 1.09
N GLY B 149 3.51 -13.51 1.98
CA GLY B 149 2.41 -12.67 1.54
C GLY B 149 1.70 -11.92 2.65
N ALA B 150 0.79 -11.04 2.28
CA ALA B 150 0.01 -10.25 3.24
C ALA B 150 -0.91 -11.24 3.95
N ASN B 151 -0.40 -11.86 5.01
CA ASN B 151 -1.16 -12.87 5.75
C ASN B 151 -1.17 -12.74 7.26
N ILE B 152 -1.63 -11.61 7.78
CA ILE B 152 -1.72 -11.44 9.23
C ILE B 152 -2.58 -12.61 9.70
N ALA B 153 -1.99 -13.46 10.54
CA ALA B 153 -2.64 -14.67 11.04
C ALA B 153 -4.11 -14.57 11.43
N SER B 154 -4.45 -13.69 12.37
CA SER B 154 -5.83 -13.55 12.83
C SER B 154 -6.82 -13.44 11.67
N GLU B 155 -6.46 -12.71 10.62
CA GLU B 155 -7.36 -12.58 9.49
C GLU B 155 -7.43 -13.88 8.70
N VAL B 156 -6.29 -14.56 8.59
CA VAL B 156 -6.25 -15.83 7.86
C VAL B 156 -7.10 -16.88 8.56
N ALA B 157 -6.96 -16.97 9.88
CA ALA B 157 -7.72 -17.94 10.66
C ALA B 157 -9.23 -17.64 10.62
N ASP B 158 -9.58 -16.41 10.30
CA ASP B 158 -11.00 -16.06 10.21
C ASP B 158 -11.51 -16.31 8.78
N GLU B 159 -10.64 -16.91 7.96
CA GLU B 159 -10.95 -17.24 6.59
C GLU B 159 -11.34 -16.02 5.75
N LYS B 160 -10.75 -14.87 6.06
CA LYS B 160 -11.04 -13.67 5.30
C LYS B 160 -10.20 -13.67 4.03
N PHE B 161 -10.83 -13.41 2.90
CA PHE B 161 -10.12 -13.45 1.63
C PHE B 161 -8.78 -12.74 1.61
N CYS B 162 -7.79 -13.42 1.04
CA CYS B 162 -6.46 -12.88 0.91
C CYS B 162 -5.63 -13.77 0.00
N GLU B 163 -4.37 -13.38 -0.22
CA GLU B 163 -3.49 -14.13 -1.10
C GLU B 163 -2.08 -14.20 -0.52
N THR B 164 -1.26 -15.04 -1.14
CA THR B 164 0.13 -15.20 -0.72
C THR B 164 0.97 -15.63 -1.91
N THR B 165 2.29 -15.58 -1.75
CA THR B 165 3.18 -15.97 -2.84
C THR B 165 4.10 -17.11 -2.44
N ILE B 166 4.13 -18.13 -3.29
CA ILE B 166 5.00 -19.26 -3.06
C ILE B 166 6.14 -19.19 -4.06
N GLY B 167 7.36 -19.20 -3.53
CA GLY B 167 8.55 -19.16 -4.35
C GLY B 167 9.14 -20.57 -4.44
N CYS B 168 9.09 -21.15 -5.63
CA CYS B 168 9.60 -22.49 -5.86
C CYS B 168 10.11 -22.60 -7.29
N LYS B 169 11.35 -23.06 -7.45
CA LYS B 169 11.95 -23.21 -8.78
C LYS B 169 11.35 -24.38 -9.56
N ASP B 170 11.10 -25.48 -8.88
CA ASP B 170 10.54 -26.66 -9.53
C ASP B 170 9.02 -26.56 -9.67
N PRO B 171 8.53 -26.44 -10.92
CA PRO B 171 7.10 -26.34 -11.23
C PRO B 171 6.26 -27.42 -10.57
N ALA B 172 6.65 -28.67 -10.79
CA ALA B 172 5.95 -29.81 -10.22
C ALA B 172 5.79 -29.61 -8.70
N GLN B 173 6.87 -29.21 -8.03
CA GLN B 173 6.82 -28.97 -6.59
C GLN B 173 5.94 -27.78 -6.25
N GLY B 174 5.95 -26.76 -7.11
CA GLY B 174 5.16 -25.57 -6.87
C GLY B 174 3.68 -25.86 -6.91
N GLN B 175 3.27 -26.63 -7.91
CA GLN B 175 1.88 -27.01 -8.07
C GLN B 175 1.49 -27.90 -6.90
N LEU B 176 2.47 -28.63 -6.38
CA LEU B 176 2.26 -29.51 -5.25
C LEU B 176 2.01 -28.69 -3.98
N LEU B 177 2.94 -27.82 -3.65
CA LEU B 177 2.81 -26.98 -2.46
C LEU B 177 1.54 -26.14 -2.52
N LYS B 178 1.17 -25.71 -3.73
CA LYS B 178 -0.03 -24.90 -3.90
C LYS B 178 -1.29 -25.71 -3.56
N GLU B 179 -1.33 -26.97 -3.97
CA GLU B 179 -2.47 -27.81 -3.66
C GLU B 179 -2.56 -28.05 -2.16
N LEU B 180 -1.42 -28.04 -1.49
CA LEU B 180 -1.38 -28.26 -0.05
C LEU B 180 -1.77 -26.99 0.73
N MET B 181 -1.39 -25.83 0.21
CA MET B 181 -1.66 -24.57 0.87
C MET B 181 -2.90 -23.76 0.45
N GLN B 182 -3.31 -23.87 -0.82
CA GLN B 182 -4.44 -23.08 -1.29
C GLN B 182 -5.82 -23.37 -0.68
N THR B 183 -6.62 -22.31 -0.62
CA THR B 183 -7.97 -22.33 -0.06
C THR B 183 -8.82 -21.31 -0.82
N PRO B 184 -10.15 -21.53 -0.89
CA PRO B 184 -11.01 -20.58 -1.61
C PRO B 184 -10.78 -19.14 -1.15
N ASN B 185 -10.19 -18.99 0.04
CA ASN B 185 -9.90 -17.67 0.62
C ASN B 185 -8.42 -17.43 0.89
N PHE B 186 -7.59 -18.36 0.43
CA PHE B 186 -6.15 -18.26 0.59
C PHE B 186 -5.61 -18.60 -0.79
N ARG B 187 -5.69 -17.62 -1.70
CA ARG B 187 -5.26 -17.77 -3.09
C ARG B 187 -3.77 -17.60 -3.26
N ILE B 188 -3.16 -18.59 -3.89
CA ILE B 188 -1.73 -18.61 -4.09
C ILE B 188 -1.27 -18.44 -5.54
N THR B 189 -0.14 -17.78 -5.70
CA THR B 189 0.48 -17.59 -7.00
C THR B 189 1.89 -18.08 -6.86
N VAL B 190 2.23 -19.14 -7.59
CA VAL B 190 3.56 -19.70 -7.53
C VAL B 190 4.48 -18.89 -8.45
N VAL B 191 5.69 -18.62 -7.95
CA VAL B 191 6.68 -17.83 -8.67
C VAL B 191 8.03 -18.51 -8.57
N GLN B 192 8.92 -18.30 -9.54
CA GLN B 192 10.24 -18.93 -9.51
C GLN B 192 11.39 -18.13 -8.88
N GLU B 193 11.27 -16.80 -8.89
CA GLU B 193 12.32 -15.94 -8.32
C GLU B 193 12.32 -16.05 -6.79
N VAL B 194 12.63 -17.24 -6.30
CA VAL B 194 12.66 -17.53 -4.87
C VAL B 194 13.29 -16.48 -3.95
N ASP B 195 14.53 -16.09 -4.22
CA ASP B 195 15.23 -15.12 -3.39
C ASP B 195 14.51 -13.80 -3.17
N THR B 196 14.03 -13.20 -4.25
CA THR B 196 13.35 -11.92 -4.18
C THR B 196 12.07 -12.01 -3.34
N VAL B 197 11.31 -13.08 -3.52
CA VAL B 197 10.06 -13.29 -2.79
C VAL B 197 10.33 -13.41 -1.29
N GLU B 198 11.44 -14.06 -0.95
CA GLU B 198 11.82 -14.27 0.45
C GLU B 198 12.39 -13.02 1.12
N ILE B 199 13.09 -12.19 0.36
CA ILE B 199 13.66 -11.01 0.97
C ILE B 199 12.60 -9.93 1.12
N CYS B 200 11.53 -10.02 0.33
CA CYS B 200 10.45 -9.07 0.44
C CYS B 200 9.79 -9.23 1.79
N GLY B 201 9.67 -10.48 2.24
CA GLY B 201 9.04 -10.76 3.51
C GLY B 201 9.85 -10.26 4.69
N ALA B 202 11.15 -10.49 4.65
CA ALA B 202 12.04 -10.06 5.72
C ALA B 202 12.10 -8.54 5.84
N LEU B 203 12.46 -7.87 4.75
CA LEU B 203 12.61 -6.41 4.72
C LEU B 203 11.38 -5.58 5.01
N LYS B 204 10.21 -6.07 4.62
CA LYS B 204 8.96 -5.35 4.84
C LYS B 204 8.65 -5.09 6.32
N ASN B 205 9.22 -5.88 7.22
CA ASN B 205 8.98 -5.70 8.66
C ASN B 205 9.72 -4.50 9.24
N VAL B 206 10.89 -4.19 8.68
CA VAL B 206 11.67 -3.05 9.14
C VAL B 206 10.85 -1.80 8.79
N VAL B 207 10.37 -1.76 7.56
CA VAL B 207 9.56 -0.65 7.07
C VAL B 207 8.34 -0.45 7.98
N ALA B 208 7.74 -1.57 8.40
CA ALA B 208 6.58 -1.53 9.27
C ALA B 208 6.89 -1.00 10.67
N VAL B 209 8.13 -1.14 11.12
CA VAL B 209 8.49 -0.62 12.43
C VAL B 209 8.45 0.91 12.34
N GLY B 210 9.02 1.44 11.26
CA GLY B 210 9.03 2.89 11.07
C GLY B 210 7.62 3.40 10.89
N ALA B 211 6.80 2.66 10.16
CA ALA B 211 5.41 3.06 9.93
C ALA B 211 4.77 3.18 11.31
N GLY B 212 5.09 2.21 12.16
CA GLY B 212 4.56 2.21 13.51
C GLY B 212 5.02 3.42 14.28
N PHE B 213 6.28 3.79 14.10
CA PHE B 213 6.85 4.96 14.76
C PHE B 213 6.05 6.19 14.37
N CYS B 214 5.79 6.34 13.07
CA CYS B 214 5.02 7.49 12.58
C CYS B 214 3.63 7.59 13.19
N ASP B 215 2.98 6.46 13.47
CA ASP B 215 1.66 6.49 14.09
C ASP B 215 1.81 7.03 15.51
N GLY B 216 2.85 6.55 16.18
CA GLY B 216 3.12 6.96 17.55
C GLY B 216 3.49 8.42 17.65
N LEU B 217 3.81 9.02 16.50
CA LEU B 217 4.15 10.42 16.44
C LEU B 217 2.91 11.26 16.12
N GLY B 218 1.79 10.58 15.85
CA GLY B 218 0.54 11.27 15.56
C GLY B 218 0.19 11.49 14.10
N PHE B 219 0.91 10.83 13.18
CA PHE B 219 0.63 11.00 11.76
C PHE B 219 -0.43 10.06 11.20
N GLY B 220 -0.92 10.36 10.00
CA GLY B 220 -1.95 9.53 9.40
C GLY B 220 -1.60 8.73 8.15
N ASP B 221 -2.59 8.57 7.28
CA ASP B 221 -2.42 7.80 6.06
C ASP B 221 -1.47 8.34 5.01
N ASN B 222 -1.48 9.65 4.78
CA ASN B 222 -0.58 10.22 3.78
C ASN B 222 0.87 9.91 4.13
N THR B 223 1.17 9.94 5.43
CA THR B 223 2.51 9.67 5.92
C THR B 223 2.89 8.19 5.86
N LYS B 224 1.98 7.33 6.30
CA LYS B 224 2.23 5.89 6.26
C LYS B 224 2.43 5.47 4.79
N ALA B 225 1.67 6.08 3.89
CA ALA B 225 1.80 5.76 2.48
C ALA B 225 3.21 6.09 2.04
N ALA B 226 3.74 7.23 2.50
CA ALA B 226 5.09 7.67 2.15
C ALA B 226 6.15 6.73 2.70
N VAL B 227 6.00 6.33 3.96
CA VAL B 227 6.96 5.43 4.58
C VAL B 227 6.97 4.12 3.80
N ILE B 228 5.78 3.66 3.42
CA ILE B 228 5.63 2.44 2.66
C ILE B 228 6.29 2.58 1.30
N ARG B 229 6.08 3.74 0.69
CA ARG B 229 6.63 4.03 -0.61
C ARG B 229 8.14 4.15 -0.62
N LEU B 230 8.70 4.81 0.39
CA LEU B 230 10.15 4.98 0.46
C LEU B 230 10.83 3.67 0.84
N GLY B 231 10.20 2.94 1.76
CA GLY B 231 10.77 1.67 2.18
C GLY B 231 10.81 0.70 1.01
N LEU B 232 9.81 0.78 0.13
CA LEU B 232 9.76 -0.09 -1.03
C LEU B 232 10.91 0.26 -1.96
N MET B 233 11.24 1.55 -2.00
CA MET B 233 12.33 2.03 -2.83
C MET B 233 13.61 1.34 -2.35
N GLU B 234 13.82 1.36 -1.03
CA GLU B 234 15.01 0.74 -0.45
C GLU B 234 15.01 -0.79 -0.54
N MET B 235 13.83 -1.40 -0.40
CA MET B 235 13.73 -2.85 -0.48
C MET B 235 14.25 -3.33 -1.82
N ILE B 236 13.73 -2.73 -2.89
CA ILE B 236 14.13 -3.08 -4.24
C ILE B 236 15.61 -2.78 -4.45
N ALA B 237 16.07 -1.67 -3.88
CA ALA B 237 17.48 -1.29 -4.00
C ALA B 237 18.33 -2.33 -3.28
N PHE B 238 17.88 -2.74 -2.10
CA PHE B 238 18.61 -3.73 -1.31
C PHE B 238 18.67 -5.08 -2.01
N ALA B 239 17.53 -5.56 -2.49
CA ALA B 239 17.48 -6.84 -3.17
C ALA B 239 18.37 -6.89 -4.41
N LYS B 240 18.31 -5.84 -5.22
CA LYS B 240 19.13 -5.78 -6.43
C LYS B 240 20.62 -5.74 -6.11
N LEU B 241 20.96 -5.24 -4.92
CA LEU B 241 22.36 -5.15 -4.52
C LEU B 241 22.90 -6.45 -3.91
N PHE B 242 22.33 -6.88 -2.80
CA PHE B 242 22.81 -8.07 -2.11
C PHE B 242 22.30 -9.46 -2.51
N CYS B 243 21.29 -9.54 -3.39
CA CYS B 243 20.79 -10.85 -3.80
C CYS B 243 21.56 -11.45 -4.97
N SER B 244 21.74 -12.76 -4.95
CA SER B 244 22.46 -13.47 -5.99
C SER B 244 21.69 -13.44 -7.30
N GLY B 245 22.39 -13.23 -8.41
CA GLY B 245 21.72 -13.22 -9.69
C GLY B 245 20.46 -12.37 -9.82
N PRO B 246 19.65 -12.61 -10.87
CA PRO B 246 18.40 -11.95 -11.24
C PRO B 246 17.47 -11.47 -10.12
N VAL B 247 17.08 -10.19 -10.22
CA VAL B 247 16.15 -9.56 -9.27
C VAL B 247 15.33 -8.54 -10.04
N SER B 248 14.05 -8.88 -10.26
CA SER B 248 13.15 -8.01 -11.01
C SER B 248 12.13 -7.31 -10.11
N SER B 249 11.89 -6.04 -10.44
CA SER B 249 10.95 -5.23 -9.70
C SER B 249 9.55 -5.81 -9.80
N ALA B 250 9.23 -6.41 -10.94
CA ALA B 250 7.91 -7.00 -11.13
C ALA B 250 7.57 -7.94 -9.99
N THR B 251 8.60 -8.52 -9.37
CA THR B 251 8.39 -9.45 -8.27
C THR B 251 7.85 -8.78 -7.01
N PHE B 252 8.17 -7.51 -6.83
CA PHE B 252 7.70 -6.78 -5.65
C PHE B 252 6.23 -6.42 -5.75
N LEU B 253 5.65 -6.61 -6.94
CA LEU B 253 4.24 -6.30 -7.14
C LEU B 253 3.39 -7.52 -6.82
N GLU B 254 4.04 -8.59 -6.36
CA GLU B 254 3.35 -9.82 -5.99
C GLU B 254 2.90 -9.65 -4.54
N SER B 255 2.08 -10.58 -4.05
CA SER B 255 1.58 -10.51 -2.68
C SER B 255 2.69 -10.30 -1.66
N CYS B 256 3.84 -10.92 -1.92
CA CYS B 256 5.00 -10.83 -1.03
C CYS B 256 5.65 -9.46 -0.92
N GLY B 257 5.37 -8.57 -1.87
CA GLY B 257 5.97 -7.26 -1.82
C GLY B 257 5.07 -6.13 -1.37
N VAL B 258 4.51 -5.41 -2.33
CA VAL B 258 3.63 -4.28 -2.03
C VAL B 258 2.47 -4.62 -1.08
N ALA B 259 1.76 -5.71 -1.33
CA ALA B 259 0.62 -6.09 -0.48
C ALA B 259 1.00 -6.45 0.95
N ASP B 260 2.06 -7.24 1.14
CA ASP B 260 2.48 -7.63 2.48
C ASP B 260 2.99 -6.39 3.23
N LEU B 261 3.62 -5.49 2.49
CA LEU B 261 4.15 -4.27 3.05
C LEU B 261 2.99 -3.45 3.64
N ILE B 262 1.92 -3.33 2.86
CA ILE B 262 0.73 -2.58 3.24
C ILE B 262 -0.02 -3.11 4.47
N THR B 263 -0.39 -4.38 4.44
CA THR B 263 -1.13 -4.96 5.55
C THR B 263 -0.33 -5.00 6.85
N THR B 264 0.99 -5.07 6.73
CA THR B 264 1.87 -5.11 7.90
C THR B 264 2.00 -3.73 8.55
N CYS B 265 2.13 -2.71 7.72
CA CYS B 265 2.25 -1.35 8.23
C CYS B 265 0.95 -0.87 8.88
N TYR B 266 -0.16 -1.49 8.53
CA TYR B 266 -1.46 -1.11 9.10
C TYR B 266 -1.96 -1.99 10.24
N GLY B 267 -1.59 -3.26 10.25
CA GLY B 267 -2.09 -4.13 11.31
C GLY B 267 -1.18 -5.23 11.81
N GLY B 268 0.12 -5.09 11.58
CA GLY B 268 1.04 -6.11 12.05
C GLY B 268 1.49 -5.87 13.48
N ARG B 269 2.07 -6.89 14.10
CA ARG B 269 2.54 -6.73 15.47
C ARG B 269 3.68 -5.71 15.53
N ASN B 270 4.50 -5.69 14.49
CA ASN B 270 5.60 -4.72 14.48
C ASN B 270 5.07 -3.29 14.56
N ARG B 271 4.00 -2.99 13.84
CA ARG B 271 3.44 -1.64 13.86
C ARG B 271 2.97 -1.25 15.26
N LYS B 272 2.28 -2.18 15.92
CA LYS B 272 1.75 -1.96 17.27
C LYS B 272 2.84 -1.64 18.30
N VAL B 273 3.83 -2.52 18.40
CA VAL B 273 4.94 -2.35 19.34
C VAL B 273 5.72 -1.08 18.99
N ALA B 274 6.05 -0.92 17.72
CA ALA B 274 6.79 0.26 17.28
C ALA B 274 6.04 1.54 17.63
N GLU B 275 4.71 1.48 17.66
CA GLU B 275 3.93 2.65 18.01
C GLU B 275 4.05 2.91 19.51
N ALA B 276 3.98 1.84 20.30
CA ALA B 276 4.08 1.96 21.75
C ALA B 276 5.49 2.39 22.16
N PHE B 277 6.48 1.98 21.36
CA PHE B 277 7.87 2.35 21.63
C PHE B 277 8.00 3.85 21.50
N ALA B 278 7.33 4.42 20.51
CA ALA B 278 7.37 5.85 20.26
C ALA B 278 6.73 6.65 21.38
N ARG B 279 5.72 6.06 22.01
CA ARG B 279 4.99 6.71 23.09
C ARG B 279 5.53 6.57 24.51
N THR B 280 5.86 5.34 24.91
CA THR B 280 6.30 5.07 26.28
C THR B 280 7.80 5.09 26.57
N GLY B 281 8.62 4.78 25.59
CA GLY B 281 10.05 4.79 25.87
C GLY B 281 10.56 3.48 26.43
N LYS B 282 9.67 2.50 26.59
CA LYS B 282 10.09 1.19 27.09
C LYS B 282 10.90 0.51 26.00
N SER B 283 11.60 -0.56 26.36
CA SER B 283 12.43 -1.28 25.38
C SER B 283 11.61 -2.18 24.44
N ILE B 284 12.11 -2.34 23.22
CA ILE B 284 11.48 -3.18 22.23
C ILE B 284 11.19 -4.51 22.93
N GLU B 285 12.21 -5.03 23.61
CA GLU B 285 12.09 -6.28 24.33
C GLU B 285 10.96 -6.24 25.36
N GLN B 286 10.94 -5.22 26.21
CA GLN B 286 9.92 -5.12 27.24
C GLN B 286 8.52 -5.04 26.66
N LEU B 287 8.34 -4.20 25.65
CA LEU B 287 7.04 -4.07 25.03
C LEU B 287 6.67 -5.41 24.39
N GLU B 288 7.68 -6.09 23.86
CA GLU B 288 7.45 -7.38 23.22
C GLU B 288 6.84 -8.35 24.24
N LYS B 289 7.42 -8.38 25.43
CA LYS B 289 6.92 -9.25 26.48
C LYS B 289 5.60 -8.75 27.09
N GLU B 290 5.45 -7.43 27.20
CA GLU B 290 4.24 -6.86 27.78
C GLU B 290 3.01 -6.86 26.88
N LEU B 291 3.21 -6.81 25.57
CA LEU B 291 2.09 -6.74 24.65
C LEU B 291 1.78 -7.95 23.77
N LEU B 292 2.79 -8.74 23.46
CA LEU B 292 2.56 -9.87 22.57
C LEU B 292 2.31 -11.25 23.17
N ASN B 293 2.08 -11.30 24.48
CA ASN B 293 1.82 -12.56 25.16
C ASN B 293 2.63 -13.74 24.59
N GLY B 294 3.94 -13.55 24.47
CA GLY B 294 4.78 -14.61 23.96
C GLY B 294 5.06 -14.66 22.46
N GLN B 295 4.34 -13.89 21.65
CA GLN B 295 4.62 -13.93 20.22
C GLN B 295 5.88 -13.11 19.95
N LYS B 296 6.58 -13.43 18.86
CA LYS B 296 7.85 -12.77 18.53
C LYS B 296 7.84 -11.73 17.42
N LEU B 297 8.56 -10.63 17.66
CA LEU B 297 8.69 -9.58 16.66
C LEU B 297 9.83 -9.97 15.73
N GLN B 298 9.64 -9.82 14.43
CA GLN B 298 10.71 -10.14 13.50
C GLN B 298 11.28 -8.83 12.94
N GLY B 299 10.54 -7.73 13.18
CA GLY B 299 10.95 -6.42 12.70
C GLY B 299 12.30 -5.91 13.16
N PRO B 300 12.43 -5.50 14.43
CA PRO B 300 13.67 -4.98 15.01
C PRO B 300 14.94 -5.80 14.74
N GLU B 301 14.95 -7.07 15.11
CA GLU B 301 16.13 -7.91 14.90
C GLU B 301 16.52 -7.97 13.42
N THR B 302 15.55 -7.93 12.52
CA THR B 302 15.83 -7.95 11.08
C THR B 302 16.56 -6.66 10.71
N ALA B 303 16.15 -5.55 11.33
CA ALA B 303 16.80 -4.28 11.09
C ALA B 303 18.24 -4.40 11.57
N ARG B 304 18.41 -5.01 12.73
CA ARG B 304 19.74 -5.20 13.31
C ARG B 304 20.63 -5.96 12.33
N GLU B 305 20.06 -6.99 11.71
CA GLU B 305 20.78 -7.82 10.75
C GLU B 305 21.13 -6.99 9.52
N LEU B 306 20.21 -6.13 9.09
CA LEU B 306 20.44 -5.27 7.93
C LEU B 306 21.66 -4.43 8.23
N TYR B 307 21.67 -3.82 9.42
CA TYR B 307 22.78 -2.99 9.85
C TYR B 307 24.11 -3.73 9.66
N SER B 308 24.20 -4.92 10.23
CA SER B 308 25.42 -5.73 10.13
C SER B 308 25.81 -6.00 8.68
N ILE B 309 24.83 -6.38 7.87
CA ILE B 309 25.08 -6.67 6.47
C ILE B 309 25.60 -5.44 5.74
N LEU B 310 25.03 -4.27 6.03
CA LEU B 310 25.44 -3.04 5.38
C LEU B 310 26.81 -2.56 5.82
N GLN B 311 27.13 -2.71 7.09
CA GLN B 311 28.42 -2.22 7.53
C GLN B 311 29.57 -3.07 7.01
N HIS B 312 29.39 -4.39 6.97
CA HIS B 312 30.46 -5.24 6.47
C HIS B 312 30.79 -4.86 5.03
N LYS B 313 29.93 -4.03 4.42
CA LYS B 313 30.14 -3.58 3.06
C LYS B 313 30.36 -2.07 3.07
N GLY B 314 30.45 -1.51 4.27
CA GLY B 314 30.64 -0.07 4.42
C GLY B 314 29.58 0.74 3.69
N LEU B 315 28.36 0.22 3.60
CA LEU B 315 27.26 0.90 2.91
C LEU B 315 26.09 1.31 3.83
N VAL B 316 26.39 1.61 5.09
CA VAL B 316 25.37 2.00 6.04
C VAL B 316 24.64 3.30 5.67
N ASP B 317 25.31 4.18 4.94
CA ASP B 317 24.70 5.45 4.57
C ASP B 317 23.75 5.36 3.36
N LYS B 318 23.69 4.21 2.71
CA LYS B 318 22.82 4.05 1.54
C LYS B 318 21.36 3.72 1.84
N PHE B 319 21.06 3.33 3.07
CA PHE B 319 19.68 3.01 3.42
C PHE B 319 19.17 3.75 4.66
N PRO B 320 19.00 5.08 4.54
CA PRO B 320 18.53 6.00 5.57
C PRO B 320 17.34 5.46 6.36
N LEU B 321 16.28 5.10 5.65
CA LEU B 321 15.07 4.62 6.30
C LEU B 321 15.30 3.34 7.11
N PHE B 322 15.94 2.34 6.51
CA PHE B 322 16.23 1.08 7.20
C PHE B 322 17.06 1.36 8.46
N MET B 323 18.13 2.13 8.28
CA MET B 323 19.03 2.47 9.37
C MET B 323 18.42 3.38 10.43
N ALA B 324 17.46 4.21 10.01
CA ALA B 324 16.80 5.10 10.96
C ALA B 324 15.95 4.21 11.86
N VAL B 325 15.35 3.17 11.27
CA VAL B 325 14.53 2.25 12.05
C VAL B 325 15.45 1.52 13.02
N TYR B 326 16.59 1.09 12.51
CA TYR B 326 17.57 0.39 13.33
C TYR B 326 18.10 1.25 14.47
N LYS B 327 18.42 2.51 14.17
CA LYS B 327 18.96 3.41 15.19
C LYS B 327 17.99 3.78 16.29
N VAL B 328 16.71 3.97 15.97
CA VAL B 328 15.74 4.33 16.99
C VAL B 328 15.49 3.15 17.92
N CYS B 329 15.39 1.96 17.33
CA CYS B 329 15.17 0.73 18.10
C CYS B 329 16.35 0.38 19.01
N TYR B 330 17.57 0.52 18.50
CA TYR B 330 18.73 0.12 19.29
C TYR B 330 19.79 1.12 19.68
N GLU B 331 19.86 2.27 19.00
CA GLU B 331 20.89 3.24 19.32
C GLU B 331 20.47 4.36 20.26
N GLY B 332 19.17 4.49 20.50
CA GLY B 332 18.70 5.54 21.38
C GLY B 332 18.36 6.83 20.65
N GLN B 333 18.37 6.79 19.32
CA GLN B 333 18.03 7.97 18.56
C GLN B 333 16.56 8.32 18.85
N PRO B 334 16.28 9.59 19.19
CA PRO B 334 14.91 10.03 19.49
C PRO B 334 13.97 9.71 18.34
N VAL B 335 12.81 9.13 18.64
CA VAL B 335 11.85 8.79 17.61
C VAL B 335 11.41 10.04 16.85
N GLY B 336 11.49 11.18 17.52
CA GLY B 336 11.10 12.45 16.91
C GLY B 336 11.94 12.90 15.74
N GLU B 337 13.00 12.17 15.42
CA GLU B 337 13.86 12.53 14.29
C GLU B 337 13.55 11.65 13.10
N PHE B 338 12.64 10.70 13.27
CA PHE B 338 12.32 9.80 12.17
C PHE B 338 11.91 10.53 10.89
N ILE B 339 10.96 11.45 11.04
CA ILE B 339 10.46 12.23 9.91
C ILE B 339 11.62 12.72 9.07
N HIS B 340 12.69 13.10 9.73
CA HIS B 340 13.86 13.61 9.05
C HIS B 340 14.40 12.68 7.97
N CYS B 341 14.43 11.36 8.24
CA CYS B 341 14.95 10.45 7.23
C CYS B 341 14.00 10.46 6.04
N LEU B 342 12.76 10.84 6.28
CA LEU B 342 11.79 10.89 5.20
C LEU B 342 12.02 12.17 4.40
N GLN B 343 12.21 13.29 5.10
CA GLN B 343 12.42 14.56 4.44
C GLN B 343 13.65 14.64 3.56
N ASN B 344 14.68 13.87 3.85
CA ASN B 344 15.89 13.93 3.05
C ASN B 344 16.19 12.69 2.27
N HIS B 345 15.21 11.78 2.21
CA HIS B 345 15.41 10.54 1.49
C HIS B 345 15.64 10.77 0.00
N PRO B 346 16.66 10.11 -0.57
CA PRO B 346 16.93 10.28 -1.99
C PRO B 346 15.67 10.03 -2.81
N GLU B 347 15.55 10.70 -3.94
CA GLU B 347 14.37 10.53 -4.78
C GLU B 347 14.36 9.22 -5.55
N HIS B 348 15.53 8.63 -5.73
CA HIS B 348 15.62 7.36 -6.44
C HIS B 348 16.85 6.61 -5.92
N MET B 349 16.86 5.29 -6.10
CA MET B 349 17.96 4.44 -5.67
C MET B 349 18.15 3.28 -6.64
S SO4 C . -4.55 26.65 9.95
O1 SO4 C . -4.33 28.09 9.58
O2 SO4 C . -4.80 25.82 8.72
O3 SO4 C . -3.30 26.16 10.65
O4 SO4 C . -5.72 26.54 10.86
S SO4 D . -2.64 20.02 15.66
O1 SO4 D . -2.09 21.21 16.40
O2 SO4 D . -2.65 20.26 14.15
O3 SO4 D . -1.76 18.81 15.98
O4 SO4 D . -4.03 19.73 16.13
S SO4 E . -13.25 8.00 7.50
O1 SO4 E . -12.86 6.58 7.88
O2 SO4 E . -14.46 7.99 6.57
O3 SO4 E . -13.58 8.74 8.78
O4 SO4 E . -12.10 8.72 6.85
S SO4 F . 15.00 19.80 -2.32
O1 SO4 F . 13.79 20.28 -1.56
O2 SO4 F . 16.27 20.48 -1.79
O3 SO4 F . 15.08 18.28 -2.14
O4 SO4 F . 14.84 20.10 -3.81
S SO4 G . 9.88 -0.52 -18.93
O1 SO4 G . 9.41 -1.98 -18.88
O2 SO4 G . 8.71 0.43 -19.20
O3 SO4 G . 10.52 -0.20 -17.60
O4 SO4 G . 10.93 -0.34 -20.00
S SO4 H . -3.25 -15.49 -15.76
O1 SO4 H . -2.72 -14.27 -15.05
O2 SO4 H . -2.11 -16.33 -16.29
O3 SO4 H . -4.09 -16.29 -14.77
O4 SO4 H . -4.16 -15.08 -16.90
P 13P I . -10.63 10.50 -2.04
O1P 13P I . -10.19 9.12 -1.65
O2P 13P I . -11.18 11.43 -1.02
O3P 13P I . -11.54 10.38 -3.25
O1 13P I . -9.31 11.19 -2.48
C1 13P I . -9.12 11.60 -3.90
C2 13P I . -7.74 12.01 -3.75
O2 13P I . -7.26 12.46 -2.74
C3 13P I . -6.87 11.84 -4.94
O3 13P I . -5.52 12.31 -4.58
PA NAD J . -14.76 19.01 -3.22
O1A NAD J . -14.88 17.80 -4.03
O2A NAD J . -13.85 19.17 -2.11
O5B NAD J . -15.71 20.28 -3.52
C5B NAD J . -16.73 20.48 -4.49
C4B NAD J . -16.36 21.84 -5.06
O4B NAD J . -17.01 22.01 -6.35
C3B NAD J . -16.68 23.11 -4.20
O3B NAD J . -15.51 23.86 -4.01
C2B NAD J . -17.71 23.91 -5.06
O2B NAD J . -17.47 25.28 -5.26
C1B NAD J . -17.60 23.27 -6.42
N9A NAD J . -18.86 23.16 -7.17
C8A NAD J . -20.06 22.60 -6.77
N7A NAD J . -20.95 22.73 -7.73
C5A NAD J . -20.34 23.38 -8.78
C6A NAD J . -20.77 23.81 -10.09
N6A NAD J . -22.02 23.59 -10.48
N1A NAD J . -19.85 24.45 -10.94
C2A NAD J . -18.55 24.69 -10.56
N3A NAD J . -18.14 24.29 -9.32
C4A NAD J . -19.01 23.64 -8.44
O3 NAD J . -13.57 19.39 -4.07
PN NAD J . -11.77 19.07 -4.31
O1N NAD J . -11.39 18.12 -3.25
O2N NAD J . -11.08 20.43 -4.22
O5D NAD J . -11.49 18.38 -5.73
C5D NAD J . -10.73 18.96 -6.77
C4D NAD J . -10.02 17.82 -7.49
O4D NAD J . -8.91 17.56 -6.61
C3D NAD J . -10.74 16.55 -7.62
O3D NAD J . -10.80 16.19 -8.94
C2D NAD J . -9.98 15.49 -6.77
O2D NAD J . -9.75 14.24 -7.36
C1D NAD J . -8.65 16.15 -6.51
N1N NAD J . -7.98 15.83 -5.22
C2N NAD J . -8.72 15.86 -3.92
C3N NAD J . -8.04 15.55 -2.76
C7N NAD J . -8.82 15.57 -1.43
O7N NAD J . -8.22 15.27 -0.39
N7N NAD J . -10.13 15.91 -1.32
C4N NAD J . -6.53 15.17 -2.72
C5N NAD J . -5.82 15.17 -4.07
C6N NAD J . -6.55 15.49 -5.32
S SO4 K . 13.93 -4.54 -13.33
O1 SO4 K . 15.35 -4.73 -12.85
O2 SO4 K . 13.63 -5.53 -14.46
O3 SO4 K . 13.02 -4.79 -12.17
O4 SO4 K . 13.72 -3.12 -13.82
P 13P L . 3.68 -8.65 12.15
O1P 13P L . 2.28 -8.60 11.61
O2P 13P L . 3.93 -8.78 13.59
O3P 13P L . 4.48 -7.48 11.57
O1 13P L . 4.16 -10.05 11.59
C1 13P L . 5.26 -10.15 10.62
C2 13P L . 4.58 -11.01 9.63
O2 13P L . 5.03 -12.10 9.22
C3 13P L . 3.28 -10.47 9.11
O3 13P L . 2.69 -11.36 8.13
PA NAD M . 4.56 -16.19 17.46
O1A NAD M . 5.60 -15.29 16.95
O2A NAD M . 3.19 -16.19 17.01
O5B NAD M . 4.92 -17.28 18.63
C5B NAD M . 6.12 -17.55 19.33
C4B NAD M . 6.28 -19.06 19.12
O4B NAD M . 7.65 -19.43 19.42
C3B NAD M . 5.35 -20.03 19.95
O3B NAD M . 4.64 -20.87 19.06
C2B NAD M . 6.35 -20.87 20.83
O2B NAD M . 6.25 -22.27 20.75
C1B NAD M . 7.69 -20.56 20.24
N9A NAD M . 8.79 -20.38 21.19
C8A NAD M . 8.86 -19.54 22.29
N7A NAD M . 10.03 -19.71 22.89
C5A NAD M . 10.73 -20.65 22.17
C6A NAD M . 12.04 -21.27 22.30
N6A NAD M . 12.83 -20.91 23.30
N1A NAD M . 12.45 -22.23 21.37
C2A NAD M . 11.64 -22.62 20.32
N3A NAD M . 10.41 -22.04 20.19
C4A NAD M . 9.94 -21.08 21.10
O3 NAD M . 4.83 -17.05 16.23
PN NAD M . 4.58 -17.16 14.42
O1N NAD M . 3.66 -16.07 14.10
O2N NAD M . 4.03 -18.56 14.12
O5D NAD M . 5.97 -16.90 13.64
C5D NAD M . 6.60 -17.84 12.81
C4D NAD M . 7.14 -17.12 11.59
O4D NAD M . 5.93 -16.84 10.83
C3D NAD M . 7.82 -15.80 11.79
O3D NAD M . 9.08 -15.85 11.25
C2D NAD M . 6.94 -14.72 11.09
O2D NAD M . 7.61 -13.78 10.29
C1D NAD M . 6.01 -15.54 10.21
N1N NAD M . 4.65 -15.00 9.95
C2N NAD M . 3.74 -14.56 11.04
C3N NAD M . 2.48 -14.07 10.70
C7N NAD M . 1.54 -13.61 11.83
O7N NAD M . 0.43 -13.17 11.53
N7N NAD M . 1.86 -13.66 13.14
C4N NAD M . 1.97 -13.97 9.23
C5N NAD M . 2.92 -14.45 8.14
C6N NAD M . 4.26 -14.96 8.51
#